data_3F97
#
_entry.id   3F97
#
_cell.length_a   116.084
_cell.length_b   82.697
_cell.length_c   96.692
_cell.angle_alpha   90.00
_cell.angle_beta   115.33
_cell.angle_gamma   90.00
#
_symmetry.space_group_name_H-M   'C 1 2 1'
#
loop_
_entity.id
_entity.type
_entity.pdbx_description
1 polymer 'Platelet-activating factor acetylhydrolase'
2 non-polymer '(1R)-1,2,2-TRIMETHYLPROPYL (R)-METHYLPHOSPHINATE'
3 non-polymer 'SULFATE ION'
4 non-polymer 'ACETATE ION'
5 water water
#
_entity_poly.entity_id   1
_entity_poly.type   'polypeptide(L)'
_entity_poly.pdbx_seq_one_letter_code
;AAASFGQTKIPRGNGPYSVGCTDLMFDHTNKGTFLRLYYPSQDNDRLDTLWIPNKEYFWGLSKFLGTHWLMGNILRLLFG
SMTTPANWNSPLRPGEKYPLVVFSHGLGAFRTLYSAIGIDLASHGFIVAAVEHRDRSASATYYFKDQSAAEIGDKSWLYL
RTLKQEEETHIRNEQVRQRAKECSQALSLILDIDHGKPVKNALDLKFDMEQLKDSIDREKIAVIGHSFGGATVIQTLSED
QRFRCGIALDAWMFPLGDEVYSRIPQPLFFINSEYFQYPANIIKMKKCYSPDKERKMITIRGSVHQNFADFTFATGKIIG
HMLKLKGDIDSNVAIDLSNKASLAFLQKHLGLHKDFDQWDCLIEGDDENLIPGTNINTTNQHI
;
_entity_poly.pdbx_strand_id   A,B
#
loop_
_chem_comp.id
_chem_comp.type
_chem_comp.name
_chem_comp.formula
ACT non-polymer 'ACETATE ION' 'C2 H3 O2 -1'
GD7 non-polymer '(1R)-1,2,2-TRIMETHYLPROPYL (R)-METHYLPHOSPHINATE' 'C7 H17 O2 P'
SO4 non-polymer 'SULFATE ION' 'O4 S -2'
#
# COMPACT_ATOMS: atom_id res chain seq x y z
N THR A 8 39.38 1.41 -0.48
CA THR A 8 38.33 0.60 -1.20
C THR A 8 38.25 1.04 -2.66
N LYS A 9 37.89 0.11 -3.53
CA LYS A 9 37.66 0.46 -4.92
C LYS A 9 36.18 0.52 -5.25
N ILE A 10 35.31 0.34 -4.25
CA ILE A 10 33.89 0.60 -4.50
C ILE A 10 33.76 2.09 -4.73
N PRO A 11 33.17 2.50 -5.87
CA PRO A 11 33.14 3.92 -6.20
C PRO A 11 32.27 4.78 -5.30
N ARG A 12 32.75 5.98 -5.00
CA ARG A 12 31.93 7.01 -4.36
C ARG A 12 30.75 7.33 -5.26
N GLY A 13 29.66 7.78 -4.66
CA GLY A 13 28.51 8.27 -5.42
C GLY A 13 28.86 9.48 -6.28
N ASN A 14 28.27 9.54 -7.46
CA ASN A 14 28.52 10.66 -8.40
C ASN A 14 27.67 11.90 -8.15
N GLY A 15 26.63 11.77 -7.32
CA GLY A 15 25.68 12.88 -7.09
C GLY A 15 26.14 13.92 -6.10
N PRO A 16 25.37 15.00 -5.95
CA PRO A 16 25.77 16.12 -5.09
C PRO A 16 25.61 15.93 -3.59
N TYR A 17 24.84 14.90 -3.17
CA TYR A 17 24.63 14.65 -1.74
C TYR A 17 25.71 13.76 -1.15
N SER A 18 26.13 14.06 0.08
CA SER A 18 26.98 13.15 0.84
C SER A 18 26.10 11.99 1.28
N VAL A 19 26.72 10.82 1.48
CA VAL A 19 25.95 9.58 1.76
C VAL A 19 26.26 8.99 3.13
N GLY A 20 25.20 8.69 3.87
CA GLY A 20 25.29 7.99 5.14
C GLY A 20 24.80 6.56 5.00
N CYS A 21 25.15 5.72 5.96
CA CYS A 21 24.69 4.34 5.97
C CYS A 21 24.42 3.89 7.38
N THR A 22 23.35 3.11 7.56
CA THR A 22 23.07 2.47 8.84
C THR A 22 22.28 1.18 8.60
N ASP A 23 22.04 0.41 9.66
CA ASP A 23 21.26 -0.81 9.55
C ASP A 23 20.02 -0.71 10.45
N LEU A 24 18.94 -1.33 10.02
CA LEU A 24 17.70 -1.34 10.76
C LEU A 24 17.11 -2.74 10.79
N MET A 25 16.79 -3.22 12.00
CA MET A 25 16.09 -4.51 12.15
C MET A 25 14.88 -4.32 13.05
N PHE A 26 13.70 -4.61 12.51
CA PHE A 26 12.46 -4.49 13.30
C PHE A 26 11.33 -5.27 12.64
N ASP A 27 10.61 -6.14 13.39
CA ASP A 27 10.98 -6.54 14.75
C ASP A 27 12.24 -7.41 14.76
N HIS A 28 12.63 -7.91 15.93
CA HIS A 28 13.87 -8.64 16.11
C HIS A 28 13.83 -10.09 15.62
N THR A 29 12.67 -10.61 15.24
CA THR A 29 12.45 -12.04 14.97
C THR A 29 12.81 -12.44 13.54
N ASN A 30 12.77 -13.73 13.26
CA ASN A 30 13.03 -14.20 11.90
C ASN A 30 11.97 -13.76 10.88
N LYS A 31 10.84 -13.25 11.37
CA LYS A 31 9.78 -12.72 10.49
C LYS A 31 9.75 -11.19 10.38
N GLY A 32 10.65 -10.54 11.11
CA GLY A 32 10.78 -9.09 11.06
C GLY A 32 11.55 -8.66 9.81
N THR A 33 11.75 -7.36 9.68
CA THR A 33 12.47 -6.81 8.53
C THR A 33 13.91 -6.49 8.94
N PHE A 34 14.85 -6.75 8.03
CA PHE A 34 16.24 -6.39 8.24
C PHE A 34 16.68 -5.70 6.95
N LEU A 35 17.23 -4.51 7.09
CA LEU A 35 17.67 -3.77 5.92
C LEU A 35 18.87 -2.89 6.22
N ARG A 36 19.65 -2.59 5.18
CA ARG A 36 20.72 -1.56 5.26
C ARG A 36 20.19 -0.33 4.55
N LEU A 37 20.29 0.83 5.22
CA LEU A 37 19.80 2.08 4.66
C LEU A 37 20.99 2.88 4.14
N TYR A 38 20.89 3.39 2.91
CA TYR A 38 21.82 4.40 2.39
C TYR A 38 21.00 5.64 2.22
N TYR A 39 21.52 6.81 2.60
CA TYR A 39 20.67 8.00 2.60
C TYR A 39 21.53 9.27 2.46
N PRO A 40 20.90 10.38 2.03
CA PRO A 40 21.67 11.63 1.93
C PRO A 40 22.00 12.09 3.35
N SER A 41 23.26 12.40 3.60
CA SER A 41 23.66 12.70 4.97
C SER A 41 23.93 14.17 5.13
N GLN A 42 23.75 14.63 6.36
CA GLN A 42 23.90 16.04 6.71
C GLN A 42 25.35 16.43 6.42
N ASP A 43 26.28 15.64 6.96
CA ASP A 43 27.72 15.91 6.89
C ASP A 43 28.48 14.79 6.15
N ASN A 44 29.75 15.04 5.83
CA ASN A 44 30.59 14.11 5.07
C ASN A 44 31.95 13.85 5.75
N ASP A 45 31.90 13.40 7.01
CA ASP A 45 33.09 13.39 7.88
C ASP A 45 34.14 12.29 7.65
N ARG A 46 33.69 11.10 7.24
CA ARG A 46 34.59 9.99 6.86
C ARG A 46 33.81 8.82 6.24
N LEU A 47 34.45 8.16 5.27
CA LEU A 47 33.85 7.05 4.53
C LEU A 47 34.25 5.73 5.18
N ASP A 48 33.58 5.41 6.28
CA ASP A 48 34.04 4.36 7.20
C ASP A 48 33.11 3.14 7.33
N THR A 49 32.12 3.00 6.46
CA THR A 49 31.18 1.88 6.63
C THR A 49 31.86 0.56 6.30
N LEU A 50 31.74 -0.43 7.16
CA LEU A 50 32.32 -1.74 6.92
C LEU A 50 31.47 -2.51 5.90
N TRP A 51 32.13 -3.02 4.86
CA TRP A 51 31.40 -3.61 3.73
C TRP A 51 30.71 -4.92 4.08
N ILE A 52 31.45 -5.87 4.65
CA ILE A 52 30.88 -7.14 5.09
C ILE A 52 31.14 -7.22 6.58
N PRO A 53 30.09 -6.94 7.38
CA PRO A 53 30.19 -6.61 8.78
C PRO A 53 30.40 -7.74 9.79
N ASN A 54 30.29 -9.00 9.38
CA ASN A 54 30.35 -10.13 10.33
C ASN A 54 31.03 -11.33 9.71
N LYS A 55 31.76 -12.10 10.50
CA LYS A 55 32.50 -13.23 9.97
C LYS A 55 31.60 -14.31 9.38
N GLU A 56 30.38 -14.43 9.90
CA GLU A 56 29.47 -15.47 9.42
C GLU A 56 29.07 -15.24 7.96
N TYR A 57 29.12 -14.00 7.48
CA TYR A 57 28.81 -13.78 6.05
C TYR A 57 29.87 -14.46 5.17
N PHE A 58 31.12 -14.42 5.62
CA PHE A 58 32.22 -15.06 4.88
C PHE A 58 32.09 -16.57 4.90
N TRP A 59 31.64 -17.14 6.02
CA TRP A 59 31.34 -18.56 6.08
C TRP A 59 30.20 -18.93 5.12
N GLY A 60 29.17 -18.09 5.08
CA GLY A 60 28.05 -18.34 4.19
C GLY A 60 28.48 -18.26 2.73
N LEU A 61 29.35 -17.33 2.41
CA LEU A 61 29.82 -17.17 1.01
C LEU A 61 30.60 -18.39 0.59
N SER A 62 31.45 -18.86 1.50
CA SER A 62 32.20 -20.08 1.23
C SER A 62 31.26 -21.27 0.94
N LYS A 63 30.23 -21.45 1.77
CA LYS A 63 29.25 -22.52 1.54
C LYS A 63 28.54 -22.36 0.20
N PHE A 64 28.15 -21.13 -0.12
CA PHE A 64 27.54 -20.81 -1.40
C PHE A 64 28.45 -21.25 -2.56
N LEU A 65 29.74 -20.95 -2.44
CA LEU A 65 30.69 -21.24 -3.52
C LEU A 65 31.03 -22.73 -3.64
N GLY A 66 30.59 -23.51 -2.65
CA GLY A 66 30.83 -24.94 -2.63
C GLY A 66 32.19 -25.28 -2.05
N THR A 67 32.82 -24.29 -1.43
CA THR A 67 34.10 -24.47 -0.78
C THR A 67 33.90 -24.81 0.71
N HIS A 68 34.95 -24.65 1.51
CA HIS A 68 34.99 -25.27 2.85
C HIS A 68 35.24 -24.22 3.93
N TRP A 69 35.98 -24.59 4.97
CA TRP A 69 36.24 -23.66 6.08
C TRP A 69 37.35 -22.65 5.75
N LEU A 70 38.40 -23.10 5.08
CA LEU A 70 39.57 -22.25 4.83
C LEU A 70 39.29 -21.11 3.87
N MET A 71 38.51 -21.38 2.83
CA MET A 71 38.09 -20.35 1.89
C MET A 71 37.35 -19.25 2.63
N GLY A 72 36.47 -19.62 3.56
CA GLY A 72 35.79 -18.66 4.42
C GLY A 72 36.77 -17.72 5.11
N ASN A 73 37.79 -18.32 5.74
CA ASN A 73 38.83 -17.56 6.43
C ASN A 73 39.71 -16.74 5.50
N ILE A 74 39.97 -17.27 4.31
CA ILE A 74 40.70 -16.53 3.28
C ILE A 74 39.95 -15.26 2.86
N LEU A 75 38.64 -15.40 2.60
CA LEU A 75 37.82 -14.25 2.22
C LEU A 75 37.83 -13.19 3.31
N ARG A 76 37.76 -13.64 4.56
CA ARG A 76 37.75 -12.75 5.70
C ARG A 76 39.08 -12.00 5.84
N LEU A 77 40.18 -12.71 5.64
CA LEU A 77 41.51 -12.07 5.62
C LEU A 77 41.63 -11.00 4.56
N LEU A 78 41.11 -11.29 3.37
CA LEU A 78 41.16 -10.36 2.24
C LEU A 78 40.23 -9.15 2.41
N PHE A 79 39.01 -9.39 2.86
CA PHE A 79 37.95 -8.40 2.74
C PHE A 79 37.33 -7.95 4.06
N GLY A 80 37.75 -8.54 5.17
CA GLY A 80 37.10 -8.29 6.47
C GLY A 80 37.21 -6.88 7.02
N SER A 81 38.16 -6.09 6.50
CA SER A 81 38.31 -4.70 6.93
C SER A 81 37.99 -3.71 5.84
N MET A 82 37.58 -4.22 4.67
CA MET A 82 37.25 -3.37 3.54
C MET A 82 36.06 -2.49 3.87
N THR A 83 36.14 -1.23 3.46
CA THR A 83 35.07 -0.28 3.65
C THR A 83 34.30 -0.09 2.36
N THR A 84 33.17 0.59 2.50
CA THR A 84 32.44 1.10 1.36
C THR A 84 32.20 2.60 1.61
N PRO A 85 32.20 3.43 0.55
CA PRO A 85 32.27 4.89 0.77
C PRO A 85 30.95 5.55 1.19
N ALA A 86 30.57 5.31 2.45
CA ALA A 86 29.43 5.94 3.09
C ALA A 86 29.82 6.25 4.53
N ASN A 87 29.24 7.33 5.06
CA ASN A 87 29.45 7.79 6.45
C ASN A 87 28.59 6.95 7.39
N TRP A 88 29.21 6.07 8.16
CA TRP A 88 28.44 5.18 9.06
C TRP A 88 27.72 5.96 10.16
N ASN A 89 26.40 5.77 10.23
CA ASN A 89 25.53 6.43 11.22
C ASN A 89 25.50 7.97 11.18
N SER A 90 25.94 8.55 10.07
CA SER A 90 25.85 10.00 9.91
C SER A 90 24.38 10.45 9.98
N PRO A 91 24.12 11.64 10.58
CA PRO A 91 22.75 12.17 10.56
C PRO A 91 22.16 12.33 9.16
N LEU A 92 20.87 12.03 9.03
CA LEU A 92 20.13 12.27 7.81
C LEU A 92 20.10 13.77 7.47
N ARG A 93 20.32 14.10 6.21
CA ARG A 93 20.18 15.48 5.75
C ARG A 93 18.74 15.96 5.93
N PRO A 94 18.54 17.05 6.68
CA PRO A 94 17.19 17.51 6.99
C PRO A 94 16.55 18.35 5.89
N GLY A 95 15.28 18.68 6.08
CA GLY A 95 14.57 19.69 5.27
C GLY A 95 14.02 19.29 3.92
N GLU A 96 14.00 17.98 3.62
CA GLU A 96 13.51 17.50 2.34
C GLU A 96 12.89 16.09 2.48
N LYS A 97 11.89 15.82 1.64
CA LYS A 97 11.33 14.48 1.51
C LYS A 97 11.99 13.79 0.32
N TYR A 98 12.50 12.58 0.56
CA TYR A 98 13.30 11.86 -0.40
C TYR A 98 12.51 10.71 -1.00
N PRO A 99 12.64 10.50 -2.32
CA PRO A 99 12.08 9.29 -2.92
C PRO A 99 12.79 8.07 -2.34
N LEU A 100 12.15 6.90 -2.42
CA LEU A 100 12.62 5.73 -1.71
C LEU A 100 12.72 4.56 -2.68
N VAL A 101 13.84 3.85 -2.62
CA VAL A 101 14.05 2.61 -3.36
C VAL A 101 14.19 1.47 -2.37
N VAL A 102 13.45 0.38 -2.59
CA VAL A 102 13.69 -0.87 -1.86
C VAL A 102 14.47 -1.77 -2.78
N PHE A 103 15.59 -2.33 -2.31
CA PHE A 103 16.49 -3.10 -3.20
C PHE A 103 16.55 -4.56 -2.75
N SER A 104 16.40 -5.48 -3.70
CA SER A 104 16.43 -6.91 -3.41
C SER A 104 17.72 -7.59 -3.99
N HIS A 105 18.47 -8.26 -3.12
CA HIS A 105 19.73 -8.94 -3.48
C HIS A 105 19.55 -10.26 -4.21
N GLY A 106 20.61 -10.73 -4.88
CA GLY A 106 20.54 -12.00 -5.61
C GLY A 106 20.73 -13.23 -4.73
N LEU A 107 20.69 -14.40 -5.33
CA LEU A 107 20.95 -15.65 -4.62
C LEU A 107 22.41 -15.67 -4.17
N GLY A 108 22.63 -16.05 -2.90
CA GLY A 108 23.97 -16.07 -2.34
C GLY A 108 24.51 -14.73 -1.87
N ALA A 109 23.75 -13.66 -2.10
CA ALA A 109 24.20 -12.37 -1.63
C ALA A 109 23.58 -12.09 -0.26
N PHE A 110 23.59 -10.82 0.14
CA PHE A 110 22.97 -10.31 1.37
C PHE A 110 22.96 -8.78 1.28
N ARG A 111 22.51 -8.11 2.31
CA ARG A 111 22.07 -6.71 2.13
C ARG A 111 23.18 -5.73 1.77
N THR A 112 24.44 -6.06 2.07
CA THR A 112 25.54 -5.08 2.00
C THR A 112 26.30 -5.08 0.66
N LEU A 113 25.96 -6.00 -0.25
CA LEU A 113 26.78 -6.30 -1.45
C LEU A 113 26.41 -5.48 -2.69
N TYR A 114 25.47 -4.55 -2.54
CA TYR A 114 25.09 -3.69 -3.65
C TYR A 114 25.23 -2.22 -3.27
N SER A 115 26.29 -1.95 -2.52
CA SER A 115 26.56 -0.59 -2.07
C SER A 115 26.98 0.36 -3.19
N ALA A 116 27.56 -0.15 -4.28
CA ALA A 116 27.92 0.76 -5.37
C ALA A 116 26.66 1.39 -5.94
N ILE A 117 25.62 0.59 -6.06
CA ILE A 117 24.30 1.09 -6.50
C ILE A 117 23.63 1.94 -5.42
N GLY A 118 23.61 1.43 -4.19
CA GLY A 118 22.91 2.10 -3.11
C GLY A 118 23.49 3.47 -2.83
N ILE A 119 24.82 3.52 -2.81
CA ILE A 119 25.50 4.77 -2.51
C ILE A 119 25.32 5.75 -3.66
N ASP A 120 25.40 5.27 -4.89
CA ASP A 120 25.13 6.19 -6.00
C ASP A 120 23.72 6.78 -5.99
N LEU A 121 22.71 5.93 -5.78
CA LEU A 121 21.34 6.45 -5.67
C LEU A 121 21.21 7.48 -4.54
N ALA A 122 21.79 7.16 -3.38
CA ALA A 122 21.64 8.05 -2.23
C ALA A 122 22.33 9.39 -2.51
N SER A 123 23.43 9.35 -3.25
CA SER A 123 24.16 10.58 -3.57
C SER A 123 23.35 11.50 -4.50
N HIS A 124 22.31 10.96 -5.13
CA HIS A 124 21.44 11.71 -6.02
C HIS A 124 20.10 12.08 -5.36
N GLY A 125 19.99 11.75 -4.08
CA GLY A 125 18.88 12.23 -3.23
C GLY A 125 17.80 11.21 -2.91
N PHE A 126 18.13 9.92 -3.03
CA PHE A 126 17.21 8.84 -2.65
C PHE A 126 17.58 8.29 -1.29
N ILE A 127 16.57 7.76 -0.59
CA ILE A 127 16.84 6.83 0.49
C ILE A 127 16.74 5.44 -0.11
N VAL A 128 17.70 4.57 0.20
CA VAL A 128 17.69 3.22 -0.37
C VAL A 128 17.63 2.23 0.78
N ALA A 129 16.67 1.31 0.75
CA ALA A 129 16.56 0.28 1.78
C ALA A 129 16.89 -1.05 1.15
N ALA A 130 18.10 -1.57 1.41
CA ALA A 130 18.54 -2.83 0.84
C ALA A 130 18.15 -3.92 1.82
N VAL A 131 17.17 -4.72 1.43
CA VAL A 131 16.63 -5.75 2.31
C VAL A 131 17.57 -6.96 2.44
N GLU A 132 17.56 -7.59 3.61
CA GLU A 132 18.20 -8.87 3.73
C GLU A 132 17.11 -9.92 3.83
N HIS A 133 17.09 -10.83 2.88
CA HIS A 133 16.01 -11.82 2.81
C HIS A 133 16.24 -12.96 3.80
N ARG A 134 15.14 -13.48 4.33
CA ARG A 134 15.19 -14.59 5.32
C ARG A 134 14.56 -15.85 4.69
N ASP A 135 14.61 -15.93 3.36
CA ASP A 135 14.01 -17.06 2.62
C ASP A 135 15.03 -18.19 2.38
N ARG A 136 16.20 -18.05 3.00
CA ARG A 136 17.36 -18.95 2.81
C ARG A 136 17.96 -18.84 1.41
N SER A 137 17.72 -17.70 0.74
CA SER A 137 18.49 -17.36 -0.47
C SER A 137 19.73 -16.49 -0.18
N ALA A 138 19.82 -15.85 1.00
CA ALA A 138 21.03 -15.12 1.34
C ALA A 138 22.12 -16.15 1.71
N SER A 139 23.37 -15.83 1.40
CA SER A 139 24.49 -16.69 1.85
C SER A 139 24.37 -16.89 3.35
N ALA A 140 24.11 -15.81 4.06
CA ALA A 140 23.88 -15.84 5.52
C ALA A 140 22.98 -14.66 5.85
N THR A 141 22.24 -14.79 6.95
CA THR A 141 21.54 -13.67 7.57
C THR A 141 21.35 -14.01 9.06
N TYR A 142 20.95 -13.03 9.87
CA TYR A 142 20.66 -13.34 11.27
C TYR A 142 19.40 -12.65 11.78
N TYR A 143 18.94 -13.09 12.97
CA TYR A 143 17.78 -12.53 13.64
C TYR A 143 18.00 -12.85 15.13
N PHE A 144 17.03 -12.48 15.95
CA PHE A 144 17.13 -12.77 17.39
C PHE A 144 15.95 -13.58 17.86
N LYS A 145 16.18 -14.50 18.79
CA LYS A 145 15.11 -15.38 19.25
C LYS A 145 14.17 -14.71 20.25
N ASP A 146 14.66 -13.65 20.91
CA ASP A 146 13.82 -12.84 21.79
C ASP A 146 14.47 -11.48 22.02
N GLN A 147 13.77 -10.59 22.72
CA GLN A 147 14.24 -9.22 22.90
C GLN A 147 15.54 -9.19 23.70
N SER A 148 15.64 -10.11 24.65
CA SER A 148 16.85 -10.17 25.47
C SER A 148 18.08 -10.55 24.64
N ALA A 149 17.92 -11.50 23.71
CA ALA A 149 19.00 -11.86 22.79
C ALA A 149 19.40 -10.62 21.97
N ALA A 150 18.42 -9.88 21.50
CA ALA A 150 18.74 -8.65 20.73
C ALA A 150 19.58 -7.65 21.56
N GLU A 151 19.25 -7.50 22.85
CA GLU A 151 19.94 -6.53 23.70
C GLU A 151 21.40 -6.92 23.90
N ILE A 152 21.64 -8.22 24.00
CA ILE A 152 22.96 -8.80 24.18
C ILE A 152 23.78 -8.95 22.87
N GLY A 153 23.12 -8.84 21.72
CA GLY A 153 23.75 -9.10 20.43
C GLY A 153 23.96 -10.59 20.19
N ASP A 154 23.09 -11.42 20.77
CA ASP A 154 23.19 -12.88 20.70
C ASP A 154 22.46 -13.35 19.44
N LYS A 155 23.21 -13.38 18.33
CA LYS A 155 22.61 -13.60 17.00
C LYS A 155 22.32 -15.06 16.71
N SER A 156 21.21 -15.30 16.02
CA SER A 156 20.89 -16.60 15.46
C SER A 156 21.09 -16.54 13.95
N TRP A 157 21.96 -17.40 13.42
CA TRP A 157 22.35 -17.36 11.98
C TRP A 157 21.57 -18.36 11.15
N LEU A 158 21.21 -17.94 9.92
CA LEU A 158 20.45 -18.73 8.97
C LEU A 158 21.24 -18.71 7.68
N TYR A 159 21.59 -19.90 7.17
CA TYR A 159 22.47 -20.01 6.01
C TYR A 159 21.72 -20.50 4.79
N LEU A 160 22.25 -20.16 3.62
CA LEU A 160 21.70 -20.57 2.33
C LEU A 160 21.30 -22.03 2.32
N ARG A 161 20.12 -22.29 1.79
CA ARG A 161 19.59 -23.64 1.60
C ARG A 161 20.00 -24.10 0.21
N THR A 162 20.73 -25.22 0.14
CA THR A 162 21.02 -25.83 -1.16
C THR A 162 19.83 -26.72 -1.57
N LEU A 163 19.49 -26.68 -2.87
CA LEU A 163 18.31 -27.39 -3.36
C LEU A 163 18.68 -28.58 -4.25
N LYS A 164 17.90 -29.64 -4.11
CA LYS A 164 17.91 -30.73 -5.08
C LYS A 164 17.21 -30.22 -6.33
N GLN A 165 17.59 -30.76 -7.49
CA GLN A 165 16.98 -30.33 -8.74
C GLN A 165 15.46 -30.49 -8.73
N GLU A 166 14.96 -31.55 -8.10
CA GLU A 166 13.51 -31.78 -8.03
C GLU A 166 12.78 -30.72 -7.18
N GLU A 167 13.53 -30.00 -6.36
CA GLU A 167 12.95 -28.97 -5.49
C GLU A 167 12.87 -27.60 -6.14
N GLU A 168 13.66 -27.38 -7.19
CA GLU A 168 13.87 -26.02 -7.73
C GLU A 168 12.58 -25.29 -8.07
N THR A 169 11.69 -25.91 -8.84
CA THR A 169 10.48 -25.22 -9.30
C THR A 169 9.64 -24.70 -8.12
N HIS A 170 9.26 -25.61 -7.23
CA HIS A 170 8.42 -25.28 -6.11
C HIS A 170 9.09 -24.31 -5.13
N ILE A 171 10.30 -24.62 -4.68
CA ILE A 171 10.96 -23.82 -3.64
C ILE A 171 11.35 -22.42 -4.15
N ARG A 172 11.83 -22.34 -5.39
CA ARG A 172 12.20 -21.01 -5.92
C ARG A 172 10.98 -20.11 -5.98
N ASN A 173 9.83 -20.69 -6.35
CA ASN A 173 8.60 -19.89 -6.36
C ASN A 173 8.16 -19.50 -4.94
N GLU A 174 8.28 -20.42 -3.98
CA GLU A 174 7.95 -20.06 -2.58
C GLU A 174 8.86 -18.95 -2.10
N GLN A 175 10.13 -19.02 -2.50
CA GLN A 175 11.11 -18.01 -2.10
C GLN A 175 10.80 -16.65 -2.74
N VAL A 176 10.43 -16.63 -4.03
CA VAL A 176 10.17 -15.32 -4.65
C VAL A 176 8.94 -14.67 -4.00
N ARG A 177 7.97 -15.51 -3.60
CA ARG A 177 6.77 -14.99 -2.93
C ARG A 177 7.14 -14.40 -1.55
N GLN A 178 7.99 -15.10 -0.81
CA GLN A 178 8.48 -14.59 0.47
C GLN A 178 9.28 -13.31 0.29
N ARG A 179 10.11 -13.26 -0.75
CA ARG A 179 10.92 -12.07 -1.03
C ARG A 179 10.04 -10.86 -1.32
N ALA A 180 9.01 -11.05 -2.11
CA ALA A 180 8.06 -9.95 -2.39
C ALA A 180 7.39 -9.49 -1.09
N LYS A 181 6.99 -10.43 -0.23
CA LYS A 181 6.41 -10.07 1.07
C LYS A 181 7.39 -9.26 1.89
N GLU A 182 8.66 -9.66 1.85
CA GLU A 182 9.71 -8.94 2.58
C GLU A 182 9.96 -7.54 2.04
N CYS A 183 9.87 -7.36 0.74
CA CYS A 183 9.99 -6.03 0.15
C CYS A 183 8.81 -5.15 0.58
N SER A 184 7.60 -5.72 0.58
CA SER A 184 6.41 -4.94 0.97
C SER A 184 6.47 -4.63 2.47
N GLN A 185 6.95 -5.60 3.26
CA GLN A 185 7.08 -5.38 4.69
C GLN A 185 8.12 -4.31 5.01
N ALA A 186 9.24 -4.32 4.29
CA ALA A 186 10.27 -3.29 4.48
C ALA A 186 9.68 -1.91 4.14
N LEU A 187 8.93 -1.84 3.04
CA LEU A 187 8.33 -0.56 2.65
C LEU A 187 7.40 -0.10 3.80
N SER A 188 6.56 -1.02 4.28
CA SER A 188 5.60 -0.68 5.34
C SER A 188 6.32 -0.17 6.58
N LEU A 189 7.44 -0.80 6.92
CA LEU A 189 8.21 -0.36 8.09
C LEU A 189 8.70 1.08 7.92
N ILE A 190 9.28 1.37 6.75
CA ILE A 190 9.81 2.71 6.48
C ILE A 190 8.68 3.74 6.45
N LEU A 191 7.57 3.41 5.79
CA LEU A 191 6.43 4.35 5.76
C LEU A 191 5.82 4.56 7.14
N ASP A 192 5.77 3.50 7.94
CA ASP A 192 5.25 3.64 9.30
C ASP A 192 6.15 4.56 10.15
N ILE A 193 7.47 4.37 10.06
CA ILE A 193 8.43 5.26 10.71
C ILE A 193 8.30 6.72 10.22
N ASP A 194 8.16 6.89 8.91
CA ASP A 194 7.93 8.19 8.31
C ASP A 194 6.73 8.92 8.95
N HIS A 195 5.71 8.16 9.35
CA HIS A 195 4.51 8.76 9.96
C HIS A 195 4.42 8.57 11.46
N GLY A 196 5.58 8.38 12.08
CA GLY A 196 5.69 8.53 13.53
C GLY A 196 5.62 7.26 14.35
N LYS A 197 5.60 6.10 13.71
CA LYS A 197 5.54 4.84 14.47
C LYS A 197 6.78 4.71 15.34
N PRO A 198 6.57 4.55 16.66
CA PRO A 198 7.72 4.38 17.52
C PRO A 198 8.31 3.02 17.21
N VAL A 199 9.60 3.00 16.90
CA VAL A 199 10.28 1.76 16.57
C VAL A 199 11.56 1.66 17.35
N LYS A 200 11.76 0.53 18.01
CA LYS A 200 13.01 0.26 18.69
C LYS A 200 13.86 -0.67 17.83
N ASN A 201 14.88 -0.10 17.18
CA ASN A 201 15.82 -0.87 16.35
C ASN A 201 16.37 -2.04 17.16
N ALA A 202 16.27 -3.26 16.63
CA ALA A 202 16.86 -4.43 17.32
C ALA A 202 18.39 -4.38 17.41
N LEU A 203 18.99 -3.54 16.57
CA LEU A 203 20.40 -3.23 16.60
C LEU A 203 20.64 -1.92 17.35
N ASP A 204 21.62 -1.92 18.24
CA ASP A 204 21.94 -0.74 19.02
C ASP A 204 22.99 0.05 18.24
N LEU A 205 22.53 1.06 17.53
CA LEU A 205 23.40 1.88 16.69
C LEU A 205 23.14 3.35 16.98
N LYS A 206 24.14 4.19 16.72
CA LYS A 206 24.02 5.63 16.99
C LYS A 206 22.97 6.40 16.18
N PHE A 207 22.51 5.85 15.08
CA PHE A 207 21.56 6.54 14.21
C PHE A 207 20.16 6.51 14.84
N ASP A 208 19.61 7.68 15.15
CA ASP A 208 18.29 7.76 15.78
C ASP A 208 17.22 7.63 14.70
N MET A 209 16.44 6.56 14.77
CA MET A 209 15.45 6.31 13.71
C MET A 209 14.35 7.38 13.63
N GLU A 210 14.20 8.18 14.69
CA GLU A 210 13.25 9.30 14.67
C GLU A 210 13.57 10.33 13.59
N GLN A 211 14.84 10.39 13.20
CA GLN A 211 15.25 11.27 12.10
C GLN A 211 14.45 11.01 10.83
N LEU A 212 13.99 9.78 10.68
CA LEU A 212 13.27 9.38 9.47
C LEU A 212 11.82 9.87 9.43
N LYS A 213 11.30 10.36 10.56
CA LYS A 213 9.93 10.91 10.54
C LYS A 213 9.85 12.04 9.52
N ASP A 214 8.83 11.99 8.68
CA ASP A 214 8.52 13.04 7.71
C ASP A 214 9.68 13.24 6.72
N SER A 215 10.38 12.16 6.38
CA SER A 215 11.54 12.21 5.50
C SER A 215 11.30 11.56 4.13
N ILE A 216 10.18 10.88 3.95
CA ILE A 216 9.89 10.12 2.71
C ILE A 216 8.88 10.80 1.81
N ASP A 217 9.18 10.87 0.52
CA ASP A 217 8.20 11.31 -0.46
C ASP A 217 7.41 10.06 -0.81
N ARG A 218 6.23 9.94 -0.19
CA ARG A 218 5.53 8.65 -0.17
C ARG A 218 4.92 8.26 -1.52
N GLU A 219 4.87 9.19 -2.47
CA GLU A 219 4.37 8.88 -3.80
C GLU A 219 5.47 8.35 -4.74
N LYS A 220 6.71 8.45 -4.29
CA LYS A 220 7.84 8.27 -5.18
C LYS A 220 8.67 7.09 -4.69
N ILE A 221 8.13 5.89 -4.91
CA ILE A 221 8.66 4.63 -4.36
C ILE A 221 8.93 3.66 -5.51
N ALA A 222 10.12 3.07 -5.52
CA ALA A 222 10.46 2.10 -6.57
C ALA A 222 11.07 0.86 -5.94
N VAL A 223 11.06 -0.24 -6.68
CA VAL A 223 11.75 -1.45 -6.26
C VAL A 223 12.80 -1.81 -7.32
N ILE A 224 14.00 -2.13 -6.86
CA ILE A 224 15.10 -2.47 -7.76
C ILE A 224 15.71 -3.77 -7.23
N GLY A 225 16.24 -4.61 -8.10
CA GLY A 225 16.91 -5.81 -7.59
C GLY A 225 17.73 -6.50 -8.66
N HIS A 226 18.68 -7.32 -8.21
CA HIS A 226 19.59 -8.01 -9.12
C HIS A 226 19.28 -9.49 -9.09
N SER A 227 19.22 -10.23 -10.37
CA SER A 227 19.28 -11.67 -10.58
C SER A 227 18.04 -12.24 -9.95
N PHE A 228 18.02 -13.10 -8.73
CA PHE A 228 16.81 -13.43 -7.94
C PHE A 228 16.06 -12.14 -7.55
N GLY A 229 16.81 -11.07 -7.26
CA GLY A 229 16.22 -9.79 -6.86
C GLY A 229 15.48 -9.13 -8.01
N GLY A 230 15.88 -9.44 -9.25
CA GLY A 230 15.12 -8.96 -10.42
C GLY A 230 13.77 -9.65 -10.57
N ALA A 231 13.72 -10.96 -10.37
CA ALA A 231 12.45 -11.67 -10.29
C ALA A 231 11.63 -11.09 -9.13
N THR A 232 12.32 -10.80 -8.03
CA THR A 232 11.65 -10.19 -6.86
C THR A 232 10.98 -8.85 -7.21
N VAL A 233 11.64 -8.03 -7.99
CA VAL A 233 11.03 -6.79 -8.51
C VAL A 233 9.65 -7.08 -9.14
N ILE A 234 9.60 -8.08 -9.99
CA ILE A 234 8.38 -8.36 -10.75
C ILE A 234 7.28 -8.90 -9.85
N GLN A 235 7.63 -9.83 -8.96
CA GLN A 235 6.66 -10.41 -8.03
C GLN A 235 6.12 -9.27 -7.13
N THR A 236 7.02 -8.42 -6.67
CA THR A 236 6.65 -7.31 -5.76
C THR A 236 5.69 -6.32 -6.45
N LEU A 237 6.02 -5.92 -7.67
CA LEU A 237 5.15 -4.99 -8.40
C LEU A 237 3.77 -5.60 -8.58
N SER A 238 3.74 -6.90 -8.81
CA SER A 238 2.45 -7.55 -9.11
C SER A 238 1.54 -7.51 -7.89
N GLU A 239 2.12 -7.51 -6.70
CA GLU A 239 1.36 -7.66 -5.45
C GLU A 239 1.10 -6.30 -4.76
N ASP A 240 1.98 -5.32 -5.00
CA ASP A 240 2.04 -4.10 -4.18
C ASP A 240 2.13 -2.83 -5.01
N GLN A 241 0.98 -2.15 -5.17
CA GLN A 241 0.90 -0.99 -6.03
C GLN A 241 1.47 0.30 -5.40
N ARG A 242 1.96 0.22 -4.16
CA ARG A 242 2.66 1.36 -3.58
C ARG A 242 3.98 1.60 -4.31
N PHE A 243 4.53 0.53 -4.89
CA PHE A 243 5.73 0.62 -5.71
C PHE A 243 5.28 1.09 -7.09
N ARG A 244 5.81 2.21 -7.53
CA ARG A 244 5.32 2.90 -8.72
C ARG A 244 6.04 2.52 -10.00
N CYS A 245 7.23 1.93 -9.86
CA CYS A 245 7.96 1.35 -11.01
C CYS A 245 9.02 0.40 -10.48
N GLY A 246 9.60 -0.37 -11.39
CA GLY A 246 10.60 -1.34 -10.96
C GLY A 246 11.75 -1.38 -11.96
N ILE A 247 12.93 -1.71 -11.46
CA ILE A 247 14.09 -1.88 -12.32
C ILE A 247 14.73 -3.22 -11.97
N ALA A 248 14.74 -4.12 -12.95
CA ALA A 248 15.28 -5.48 -12.79
C ALA A 248 16.64 -5.53 -13.42
N LEU A 249 17.67 -5.72 -12.57
CA LEU A 249 19.06 -5.79 -13.03
C LEU A 249 19.42 -7.23 -13.29
N ASP A 250 19.58 -7.57 -14.57
CA ASP A 250 19.85 -8.95 -14.98
C ASP A 250 18.94 -9.97 -14.28
N ALA A 251 17.63 -9.81 -14.41
CA ALA A 251 16.69 -10.65 -13.69
C ALA A 251 16.87 -12.11 -14.07
N TRP A 252 16.74 -12.98 -13.06
CA TRP A 252 16.66 -14.42 -13.26
C TRP A 252 15.19 -14.81 -13.17
N MET A 253 14.58 -15.15 -14.29
CA MET A 253 13.12 -15.20 -14.36
C MET A 253 12.47 -16.52 -13.90
N PHE A 254 13.29 -17.56 -13.78
CA PHE A 254 12.84 -18.91 -13.43
C PHE A 254 11.84 -19.00 -12.27
N PRO A 255 12.08 -18.25 -11.17
CA PRO A 255 11.18 -18.43 -10.01
C PRO A 255 9.72 -18.00 -10.20
N LEU A 256 9.46 -17.18 -11.21
CA LEU A 256 8.13 -16.56 -11.37
C LEU A 256 7.11 -17.54 -11.91
N GLY A 257 5.93 -17.52 -11.32
CA GLY A 257 4.78 -18.25 -11.86
C GLY A 257 4.16 -17.56 -13.06
N ASP A 258 3.40 -18.33 -13.85
CA ASP A 258 2.80 -17.83 -15.10
C ASP A 258 1.86 -16.66 -14.87
N GLU A 259 1.21 -16.65 -13.71
CA GLU A 259 0.19 -15.64 -13.42
C GLU A 259 0.72 -14.21 -13.31
N VAL A 260 2.01 -14.04 -12.99
CA VAL A 260 2.50 -12.68 -12.70
C VAL A 260 2.49 -11.78 -13.94
N TYR A 261 2.72 -12.39 -15.10
CA TYR A 261 3.07 -11.67 -16.33
C TYR A 261 2.02 -10.67 -16.83
N SER A 262 0.76 -10.91 -16.48
CA SER A 262 -0.36 -10.04 -16.86
C SER A 262 -0.83 -9.15 -15.71
N ARG A 263 -0.15 -9.23 -14.56
CA ARG A 263 -0.56 -8.56 -13.33
C ARG A 263 0.33 -7.40 -12.90
N ILE A 264 1.16 -6.89 -13.80
CA ILE A 264 2.07 -5.80 -13.45
C ILE A 264 1.67 -4.53 -14.15
N PRO A 265 0.84 -3.70 -13.52
CA PRO A 265 0.51 -2.45 -14.20
C PRO A 265 1.64 -1.44 -14.35
N GLN A 266 2.63 -1.48 -13.45
CA GLN A 266 3.63 -0.39 -13.35
C GLN A 266 4.73 -0.48 -14.41
N PRO A 267 5.35 0.65 -14.75
CA PRO A 267 6.50 0.60 -15.67
C PRO A 267 7.64 -0.27 -15.13
N LEU A 268 8.33 -0.94 -16.05
CA LEU A 268 9.39 -1.86 -15.69
C LEU A 268 10.56 -1.70 -16.64
N PHE A 269 11.77 -1.70 -16.10
CA PHE A 269 13.03 -1.51 -16.86
C PHE A 269 13.93 -2.67 -16.63
N PHE A 270 14.30 -3.35 -17.72
CA PHE A 270 15.26 -4.47 -17.63
C PHE A 270 16.62 -3.93 -18.02
N ILE A 271 17.61 -4.02 -17.13
CA ILE A 271 18.99 -3.70 -17.48
C ILE A 271 19.79 -4.98 -17.41
N ASN A 272 20.28 -5.44 -18.56
CA ASN A 272 20.89 -6.77 -18.65
C ASN A 272 22.39 -6.72 -18.87
N SER A 273 23.11 -7.78 -18.46
CA SER A 273 24.53 -7.89 -18.87
C SER A 273 24.56 -8.59 -20.23
N GLU A 274 25.62 -8.35 -21.00
CA GLU A 274 25.73 -8.99 -22.30
C GLU A 274 25.94 -10.48 -22.14
N TYR A 275 26.72 -10.86 -21.14
CA TYR A 275 27.26 -12.20 -21.07
C TYR A 275 26.48 -13.19 -20.18
N PHE A 276 25.45 -12.72 -19.46
CA PHE A 276 24.63 -13.62 -18.64
C PHE A 276 23.41 -14.20 -19.33
N GLN A 277 22.80 -13.42 -20.24
CA GLN A 277 21.45 -13.75 -20.70
C GLN A 277 21.39 -14.90 -21.70
N TYR A 278 20.23 -15.57 -21.71
CA TYR A 278 19.97 -16.75 -22.56
C TYR A 278 18.51 -16.78 -22.96
N PRO A 279 18.19 -17.43 -24.11
CA PRO A 279 16.81 -17.36 -24.65
C PRO A 279 15.69 -17.75 -23.69
N ALA A 280 15.85 -18.84 -22.93
CA ALA A 280 14.82 -19.29 -22.00
C ALA A 280 14.50 -18.23 -20.94
N ASN A 281 15.45 -17.35 -20.64
CA ASN A 281 15.24 -16.30 -19.66
C ASN A 281 14.60 -15.06 -20.31
N ILE A 282 15.16 -14.66 -21.46
CA ILE A 282 14.69 -13.50 -22.22
C ILE A 282 13.24 -13.62 -22.67
N ILE A 283 12.82 -14.82 -23.03
CA ILE A 283 11.46 -15.00 -23.46
C ILE A 283 10.45 -14.63 -22.36
N LYS A 284 10.83 -14.89 -21.11
CA LYS A 284 10.00 -14.49 -19.97
C LYS A 284 9.95 -12.99 -19.81
N MET A 285 11.06 -12.30 -20.07
CA MET A 285 11.04 -10.83 -20.07
C MET A 285 10.13 -10.32 -21.15
N LYS A 286 10.19 -10.96 -22.32
CA LYS A 286 9.34 -10.53 -23.43
C LYS A 286 7.86 -10.71 -23.14
N LYS A 287 7.52 -11.70 -22.31
CA LYS A 287 6.14 -11.96 -21.88
C LYS A 287 5.51 -10.80 -21.11
N CYS A 288 6.37 -9.95 -20.55
CA CYS A 288 5.94 -8.75 -19.81
C CYS A 288 5.46 -7.60 -20.72
N TYR A 289 5.87 -7.62 -21.98
CA TYR A 289 5.58 -6.53 -22.92
C TYR A 289 4.13 -6.53 -23.40
N SER A 290 3.59 -5.33 -23.55
CA SER A 290 2.20 -5.14 -23.98
C SER A 290 2.07 -3.66 -24.37
N PRO A 291 1.29 -3.33 -25.43
CA PRO A 291 1.21 -1.93 -25.84
C PRO A 291 0.65 -0.99 -24.77
N ASP A 292 -0.12 -1.54 -23.82
CA ASP A 292 -0.68 -0.74 -22.74
C ASP A 292 0.29 -0.51 -21.56
N LYS A 293 1.50 -1.08 -21.66
CA LYS A 293 2.45 -0.97 -20.54
C LYS A 293 3.80 -0.47 -21.02
N GLU A 294 4.52 0.22 -20.12
CA GLU A 294 5.88 0.69 -20.41
C GLU A 294 6.88 -0.38 -19.97
N ARG A 295 7.57 -0.98 -20.94
CA ARG A 295 8.70 -1.87 -20.66
C ARG A 295 9.86 -1.42 -21.49
N LYS A 296 11.01 -1.28 -20.86
CA LYS A 296 12.22 -0.93 -21.59
C LYS A 296 13.29 -1.95 -21.23
N MET A 297 14.22 -2.16 -22.15
CA MET A 297 15.30 -3.10 -21.94
C MET A 297 16.55 -2.56 -22.60
N ILE A 298 17.65 -2.60 -21.87
CA ILE A 298 18.98 -2.33 -22.45
C ILE A 298 19.94 -3.44 -22.02
N THR A 299 21.02 -3.60 -22.77
CA THR A 299 22.06 -4.56 -22.43
C THR A 299 23.39 -3.81 -22.37
N ILE A 300 24.14 -4.02 -21.30
CA ILE A 300 25.44 -3.37 -21.15
C ILE A 300 26.50 -4.20 -21.88
N ARG A 301 27.10 -3.59 -22.90
CA ARG A 301 28.13 -4.31 -23.66
C ARG A 301 29.34 -4.72 -22.82
N GLY A 302 29.72 -5.98 -22.93
CA GLY A 302 30.97 -6.48 -22.37
C GLY A 302 30.86 -6.75 -20.89
N SER A 303 29.64 -6.71 -20.37
CA SER A 303 29.44 -6.95 -18.92
C SER A 303 29.05 -8.39 -18.62
N VAL A 304 29.32 -8.81 -17.38
CA VAL A 304 28.94 -10.12 -16.86
C VAL A 304 27.92 -9.92 -15.71
N HIS A 305 27.34 -11.00 -15.24
CA HIS A 305 26.30 -10.93 -14.21
C HIS A 305 26.77 -10.18 -12.96
N GLN A 306 28.04 -10.40 -12.57
CA GLN A 306 28.61 -9.76 -11.38
C GLN A 306 28.89 -8.28 -11.48
N ASN A 307 28.76 -7.69 -12.67
CA ASN A 307 28.99 -6.26 -12.81
C ASN A 307 28.02 -5.44 -11.97
N PHE A 308 26.88 -6.03 -11.59
CA PHE A 308 25.89 -5.28 -10.80
C PHE A 308 26.18 -5.30 -9.30
N ALA A 309 27.05 -6.22 -8.86
CA ALA A 309 27.29 -6.39 -7.42
C ALA A 309 28.70 -5.93 -7.07
N ASP A 310 28.95 -5.77 -5.77
CA ASP A 310 30.16 -5.07 -5.32
C ASP A 310 31.43 -5.89 -5.51
N PHE A 311 31.31 -7.21 -5.68
CA PHE A 311 32.53 -8.02 -5.87
C PHE A 311 33.21 -7.72 -7.18
N THR A 312 32.52 -7.00 -8.06
CA THR A 312 33.17 -6.49 -9.28
C THR A 312 34.31 -5.48 -8.98
N PHE A 313 34.30 -4.89 -7.78
CA PHE A 313 35.30 -3.91 -7.36
C PHE A 313 36.32 -4.47 -6.35
N ALA A 314 36.22 -5.76 -6.05
CA ALA A 314 36.97 -6.34 -4.94
C ALA A 314 38.36 -6.76 -5.33
N THR A 315 38.58 -6.98 -6.63
CA THR A 315 39.86 -7.54 -7.09
C THR A 315 40.45 -6.71 -8.24
N GLY A 316 41.68 -7.03 -8.61
CA GLY A 316 42.27 -6.47 -9.81
C GLY A 316 41.63 -6.97 -11.09
N LYS A 317 42.02 -6.35 -12.20
CA LYS A 317 41.44 -6.62 -13.52
C LYS A 317 41.62 -8.06 -14.00
N ILE A 318 42.82 -8.60 -13.87
CA ILE A 318 43.08 -9.95 -14.41
C ILE A 318 42.41 -11.03 -13.59
N ILE A 319 42.63 -10.99 -12.28
CA ILE A 319 41.99 -11.89 -11.34
C ILE A 319 40.44 -11.77 -11.40
N GLY A 320 39.94 -10.54 -11.50
CA GLY A 320 38.49 -10.31 -11.65
C GLY A 320 37.93 -10.94 -12.90
N HIS A 321 38.63 -10.77 -14.03
CA HIS A 321 38.16 -11.34 -15.29
C HIS A 321 38.19 -12.86 -15.22
N MET A 322 39.25 -13.41 -14.65
CA MET A 322 39.36 -14.87 -14.50
C MET A 322 38.30 -15.48 -13.62
N LEU A 323 37.83 -14.75 -12.62
CA LEU A 323 36.84 -15.27 -11.68
C LEU A 323 35.40 -14.90 -12.10
N LYS A 324 35.27 -14.27 -13.26
CA LYS A 324 33.98 -13.79 -13.79
C LYS A 324 33.32 -12.77 -12.85
N LEU A 325 34.14 -12.02 -12.14
CA LEU A 325 33.61 -10.89 -11.38
C LEU A 325 33.64 -9.63 -12.20
N LYS A 326 34.45 -9.65 -13.27
CA LYS A 326 34.58 -8.50 -14.16
C LYS A 326 34.39 -8.96 -15.60
N GLY A 327 33.92 -8.04 -16.43
CA GLY A 327 33.72 -8.32 -17.85
C GLY A 327 34.83 -7.68 -18.65
N ASP A 328 34.58 -7.51 -19.94
CA ASP A 328 35.50 -6.85 -20.84
C ASP A 328 35.46 -5.35 -20.57
N ILE A 329 34.28 -4.86 -20.18
CA ILE A 329 34.05 -3.46 -19.92
C ILE A 329 34.64 -3.08 -18.56
N ASP A 330 34.99 -1.81 -18.39
CA ASP A 330 35.48 -1.36 -17.08
C ASP A 330 34.32 -1.38 -16.07
N SER A 331 34.56 -1.88 -14.87
CA SER A 331 33.47 -2.00 -13.87
C SER A 331 32.88 -0.67 -13.49
N ASN A 332 33.71 0.38 -13.40
CA ASN A 332 33.15 1.67 -13.11
C ASN A 332 32.32 2.18 -14.26
N VAL A 333 32.76 1.96 -15.50
CA VAL A 333 31.96 2.42 -16.64
C VAL A 333 30.60 1.70 -16.67
N ALA A 334 30.61 0.39 -16.42
CA ALA A 334 29.36 -0.39 -16.45
C ALA A 334 28.38 0.05 -15.37
N ILE A 335 28.86 0.25 -14.14
CA ILE A 335 27.93 0.67 -13.05
C ILE A 335 27.41 2.08 -13.25
N ASP A 336 28.25 2.96 -13.83
CA ASP A 336 27.81 4.31 -14.20
C ASP A 336 26.67 4.24 -15.20
N LEU A 337 26.77 3.36 -16.19
CA LEU A 337 25.70 3.29 -17.21
C LEU A 337 24.42 2.78 -16.56
N SER A 338 24.55 1.74 -15.73
CA SER A 338 23.38 1.16 -15.06
C SER A 338 22.74 2.18 -14.13
N ASN A 339 23.57 2.87 -13.35
CA ASN A 339 23.06 3.89 -12.44
C ASN A 339 22.43 5.09 -13.13
N LYS A 340 23.06 5.59 -14.20
CA LYS A 340 22.54 6.78 -14.89
C LYS A 340 21.22 6.43 -15.61
N ALA A 341 21.19 5.26 -16.23
CA ALA A 341 19.98 4.84 -16.93
C ALA A 341 18.87 4.67 -15.89
N SER A 342 19.22 4.13 -14.72
CA SER A 342 18.23 3.93 -13.67
C SER A 342 17.67 5.28 -13.18
N LEU A 343 18.56 6.25 -12.95
CA LEU A 343 18.17 7.58 -12.50
C LEU A 343 17.20 8.21 -13.51
N ALA A 344 17.51 8.10 -14.79
CA ALA A 344 16.61 8.64 -15.82
C ALA A 344 15.26 7.96 -15.76
N PHE A 345 15.26 6.64 -15.64
CA PHE A 345 14.00 5.90 -15.58
C PHE A 345 13.18 6.32 -14.37
N LEU A 346 13.85 6.40 -13.21
CA LEU A 346 13.20 6.85 -11.97
C LEU A 346 12.63 8.26 -12.07
N GLN A 347 13.36 9.16 -12.71
CA GLN A 347 12.86 10.52 -12.87
C GLN A 347 11.60 10.53 -13.71
N LYS A 348 11.61 9.77 -14.81
CA LYS A 348 10.47 9.66 -15.71
C LYS A 348 9.22 9.11 -15.01
N HIS A 349 9.37 8.01 -14.26
CA HIS A 349 8.22 7.27 -13.76
C HIS A 349 7.84 7.57 -12.31
N LEU A 350 8.71 8.28 -11.60
CA LEU A 350 8.35 8.81 -10.28
C LEU A 350 8.01 10.30 -10.33
N GLY A 351 8.21 10.93 -11.49
CA GLY A 351 8.00 12.38 -11.63
C GLY A 351 8.93 13.27 -10.82
N LEU A 352 10.22 12.94 -10.81
CA LEU A 352 11.20 13.75 -10.07
C LEU A 352 11.52 15.02 -10.86
N HIS A 353 11.84 16.08 -10.11
CA HIS A 353 12.21 17.36 -10.70
C HIS A 353 13.69 17.59 -10.52
N LYS A 354 14.46 16.66 -11.06
CA LYS A 354 15.91 16.71 -11.03
C LYS A 354 16.39 16.80 -12.47
N ASP A 355 17.69 16.63 -12.66
CA ASP A 355 18.25 16.73 -13.99
C ASP A 355 18.57 15.34 -14.56
N PHE A 356 17.89 14.29 -14.08
CA PHE A 356 18.29 12.95 -14.51
C PHE A 356 17.89 12.67 -15.95
N ASP A 357 17.02 13.53 -16.50
CA ASP A 357 16.55 13.33 -17.87
C ASP A 357 17.68 13.57 -18.88
N GLN A 358 18.79 14.11 -18.40
CA GLN A 358 19.98 14.21 -19.24
C GLN A 358 20.41 12.85 -19.76
N TRP A 359 20.02 11.79 -19.04
CA TRP A 359 20.43 10.43 -19.41
C TRP A 359 19.31 9.62 -20.08
N ASP A 360 18.28 10.33 -20.55
CA ASP A 360 17.15 9.66 -21.20
C ASP A 360 17.59 8.77 -22.35
N CYS A 361 18.61 9.21 -23.09
CA CYS A 361 19.08 8.43 -24.24
C CYS A 361 19.59 7.05 -23.81
N LEU A 362 20.04 6.93 -22.56
CA LEU A 362 20.54 5.65 -22.08
C LEU A 362 19.42 4.61 -21.93
N ILE A 363 18.19 5.05 -21.65
CA ILE A 363 17.04 4.15 -21.56
C ILE A 363 16.77 3.50 -22.92
N GLU A 364 17.14 4.22 -24.00
CA GLU A 364 16.98 3.74 -25.36
C GLU A 364 18.19 2.95 -25.84
N GLY A 365 19.18 2.80 -24.95
CA GLY A 365 20.41 2.10 -25.25
C GLY A 365 21.33 2.83 -26.19
N ASP A 366 21.23 4.16 -26.21
CA ASP A 366 21.97 5.00 -27.16
C ASP A 366 23.31 5.43 -26.57
N ASP A 367 24.26 4.50 -26.57
CA ASP A 367 25.60 4.74 -26.05
C ASP A 367 26.49 3.67 -26.67
N GLU A 368 27.77 3.95 -26.84
CA GLU A 368 28.68 3.00 -27.46
C GLU A 368 28.79 1.69 -26.68
N ASN A 369 28.51 1.76 -25.37
CA ASN A 369 28.60 0.59 -24.49
C ASN A 369 27.23 -0.02 -24.14
N LEU A 370 26.19 0.40 -24.86
CA LEU A 370 24.84 -0.17 -24.69
C LEU A 370 24.28 -0.77 -25.98
N ILE A 371 23.51 -1.84 -25.82
CA ILE A 371 22.70 -2.44 -26.86
C ILE A 371 21.23 -2.12 -26.49
N PRO A 372 20.47 -1.48 -27.39
CA PRO A 372 19.03 -1.37 -27.15
C PRO A 372 18.46 -2.77 -27.14
N GLY A 373 17.57 -3.07 -26.20
CA GLY A 373 16.96 -4.38 -26.16
C GLY A 373 18.01 -5.41 -25.72
N THR A 374 18.13 -6.48 -26.51
CA THR A 374 19.00 -7.62 -26.15
C THR A 374 19.67 -8.23 -27.37
N ASN A 375 20.84 -8.81 -27.16
CA ASN A 375 21.50 -9.61 -28.22
C ASN A 375 20.76 -10.91 -28.52
N ILE A 376 19.89 -11.33 -27.59
CA ILE A 376 19.09 -12.55 -27.74
C ILE A 376 17.79 -12.19 -28.45
N ASN A 377 17.71 -12.46 -29.75
CA ASN A 377 16.53 -12.02 -30.52
C ASN A 377 15.36 -13.01 -30.61
N THR A 378 15.29 -13.92 -29.63
CA THR A 378 14.24 -14.94 -29.52
C THR A 378 12.83 -14.35 -29.50
N THR A 379 12.08 -14.53 -30.58
CA THR A 379 10.73 -13.97 -30.71
C THR A 379 9.75 -14.94 -31.37
N THR B 8 -39.54 0.49 0.03
CA THR B 8 -38.20 1.12 -0.18
C THR B 8 -38.29 2.54 -0.75
N LYS B 9 -37.81 3.50 0.01
CA LYS B 9 -37.69 4.86 -0.47
C LYS B 9 -36.22 5.25 -0.66
N ILE B 10 -35.32 4.27 -0.53
CA ILE B 10 -33.91 4.49 -0.85
C ILE B 10 -33.79 4.53 -2.38
N PRO B 11 -33.20 5.62 -2.92
CA PRO B 11 -33.17 5.77 -4.39
C PRO B 11 -32.32 4.73 -5.09
N ARG B 12 -32.77 4.29 -6.26
CA ARG B 12 -31.99 3.44 -7.13
C ARG B 12 -30.75 4.18 -7.63
N GLY B 13 -29.72 3.42 -8.00
CA GLY B 13 -28.48 3.99 -8.52
C GLY B 13 -28.74 4.76 -9.82
N ASN B 14 -28.15 5.94 -9.97
CA ASN B 14 -28.37 6.78 -11.15
C ASN B 14 -27.54 6.35 -12.37
N GLY B 15 -26.55 5.49 -12.16
CA GLY B 15 -25.65 5.05 -13.22
C GLY B 15 -26.20 3.93 -14.09
N PRO B 16 -25.45 3.52 -15.12
CA PRO B 16 -25.94 2.53 -16.11
C PRO B 16 -25.84 1.05 -15.72
N TYR B 17 -25.05 0.71 -14.70
CA TYR B 17 -24.91 -0.69 -14.30
C TYR B 17 -26.00 -1.10 -13.31
N SER B 18 -26.52 -2.31 -13.46
CA SER B 18 -27.36 -2.91 -12.44
C SER B 18 -26.48 -3.28 -11.24
N VAL B 19 -27.05 -3.23 -10.05
CA VAL B 19 -26.29 -3.37 -8.81
C VAL B 19 -26.68 -4.62 -8.02
N GLY B 20 -25.65 -5.38 -7.62
CA GLY B 20 -25.79 -6.53 -6.75
C GLY B 20 -25.26 -6.20 -5.36
N CYS B 21 -25.65 -7.01 -4.38
CA CYS B 21 -25.21 -6.85 -3.00
C CYS B 21 -25.02 -8.22 -2.32
N THR B 22 -23.98 -8.33 -1.49
CA THR B 22 -23.79 -9.50 -0.66
C THR B 22 -23.01 -9.08 0.60
N ASP B 23 -22.88 -10.02 1.56
CA ASP B 23 -22.13 -9.79 2.79
C ASP B 23 -20.99 -10.78 2.85
N LEU B 24 -19.84 -10.32 3.34
CA LEU B 24 -18.68 -11.18 3.51
C LEU B 24 -18.13 -11.03 4.93
N MET B 25 -18.00 -12.16 5.63
CA MET B 25 -17.30 -12.17 6.92
C MET B 25 -16.16 -13.15 6.88
N PHE B 26 -14.95 -12.64 7.05
CA PHE B 26 -13.75 -13.51 7.04
C PHE B 26 -12.57 -12.87 7.74
N ASP B 27 -11.93 -13.54 8.70
CA ASP B 27 -12.42 -14.78 9.33
C ASP B 27 -13.66 -14.53 10.20
N HIS B 28 -14.07 -15.54 10.97
CA HIS B 28 -15.31 -15.49 11.76
C HIS B 28 -15.19 -14.74 13.10
N THR B 29 -13.99 -14.32 13.48
CA THR B 29 -13.76 -13.68 14.79
C THR B 29 -14.06 -12.19 14.75
N ASN B 30 -14.07 -11.50 15.90
CA ASN B 30 -14.23 -10.05 15.87
C ASN B 30 -12.97 -9.33 15.44
N LYS B 31 -11.93 -10.09 15.08
CA LYS B 31 -10.72 -9.52 14.49
C LYS B 31 -10.70 -9.68 12.98
N GLY B 32 -11.65 -10.45 12.47
CA GLY B 32 -11.81 -10.65 11.03
C GLY B 32 -12.45 -9.42 10.38
N THR B 33 -12.62 -9.48 9.07
CA THR B 33 -13.26 -8.43 8.28
C THR B 33 -14.72 -8.77 8.11
N PHE B 34 -15.58 -7.76 8.26
CA PHE B 34 -17.01 -7.93 8.00
C PHE B 34 -17.38 -6.75 7.10
N LEU B 35 -17.91 -7.08 5.93
CA LEU B 35 -18.33 -5.99 5.04
C LEU B 35 -19.56 -6.35 4.22
N ARG B 36 -20.28 -5.31 3.78
CA ARG B 36 -21.32 -5.47 2.77
C ARG B 36 -20.73 -4.97 1.45
N LEU B 37 -20.85 -5.81 0.41
CA LEU B 37 -20.32 -5.49 -0.90
C LEU B 37 -21.44 -4.99 -1.83
N TYR B 38 -21.22 -3.87 -2.52
CA TYR B 38 -22.14 -3.44 -3.59
C TYR B 38 -21.29 -3.48 -4.86
N TYR B 39 -21.86 -3.96 -5.97
CA TYR B 39 -21.04 -4.25 -7.13
C TYR B 39 -21.89 -4.25 -8.40
N PRO B 40 -21.26 -3.98 -9.55
CA PRO B 40 -22.03 -4.08 -10.80
C PRO B 40 -22.36 -5.55 -11.08
N SER B 41 -23.64 -5.84 -11.31
CA SER B 41 -24.09 -7.23 -11.43
C SER B 41 -24.61 -7.57 -12.83
N GLN B 42 -24.81 -8.86 -13.09
CA GLN B 42 -25.35 -9.31 -14.37
C GLN B 42 -26.87 -9.22 -14.35
N ASP B 43 -27.49 -10.00 -13.47
CA ASP B 43 -28.95 -10.02 -13.34
C ASP B 43 -29.47 -8.69 -12.80
N ASN B 44 -30.66 -8.31 -13.26
CA ASN B 44 -31.39 -7.19 -12.66
C ASN B 44 -32.74 -7.65 -12.09
N ASP B 45 -32.88 -8.96 -11.93
CA ASP B 45 -34.10 -9.63 -11.44
C ASP B 45 -34.95 -8.79 -10.47
N ARG B 46 -34.51 -8.69 -9.22
CA ARG B 46 -35.32 -8.06 -8.18
C ARG B 46 -34.51 -7.30 -7.14
N LEU B 47 -34.97 -6.11 -6.81
CA LEU B 47 -34.31 -5.23 -5.85
C LEU B 47 -34.66 -5.68 -4.43
N ASP B 48 -34.03 -6.77 -3.99
CA ASP B 48 -34.54 -7.55 -2.86
C ASP B 48 -33.61 -7.67 -1.65
N THR B 49 -32.66 -6.74 -1.52
CA THR B 49 -31.72 -6.79 -0.38
C THR B 49 -32.38 -6.21 0.86
N LEU B 50 -32.33 -6.94 1.96
CA LEU B 50 -32.87 -6.46 3.22
C LEU B 50 -31.96 -5.37 3.79
N TRP B 51 -32.56 -4.23 4.14
CA TRP B 51 -31.80 -3.05 4.57
C TRP B 51 -31.14 -3.22 5.95
N ILE B 52 -31.93 -3.55 6.97
CA ILE B 52 -31.36 -3.80 8.32
C ILE B 52 -31.72 -5.24 8.67
N PRO B 53 -30.74 -6.17 8.52
CA PRO B 53 -31.06 -7.60 8.46
C PRO B 53 -31.20 -8.38 9.78
N ASN B 54 -31.03 -7.75 10.93
CA ASN B 54 -31.14 -8.46 12.23
C ASN B 54 -31.76 -7.59 13.29
N LYS B 55 -32.54 -8.21 14.19
CA LYS B 55 -33.21 -7.47 15.27
C LYS B 55 -32.25 -6.71 16.16
N GLU B 56 -31.06 -7.28 16.37
CA GLU B 56 -30.12 -6.69 17.30
C GLU B 56 -29.63 -5.31 16.86
N TYR B 57 -29.68 -5.05 15.54
CA TYR B 57 -29.29 -3.73 15.04
C TYR B 57 -30.31 -2.69 15.52
N PHE B 58 -31.59 -3.08 15.58
CA PHE B 58 -32.61 -2.19 16.12
C PHE B 58 -32.46 -1.96 17.62
N TRP B 59 -32.13 -3.01 18.36
CA TRP B 59 -31.84 -2.88 19.77
C TRP B 59 -30.65 -1.94 19.97
N GLY B 60 -29.62 -2.10 19.13
CA GLY B 60 -28.43 -1.23 19.20
C GLY B 60 -28.73 0.23 18.94
N LEU B 61 -29.58 0.48 17.94
CA LEU B 61 -29.97 1.84 17.59
C LEU B 61 -30.75 2.50 18.74
N SER B 62 -31.63 1.73 19.37
CA SER B 62 -32.36 2.23 20.54
C SER B 62 -31.39 2.61 21.66
N LYS B 63 -30.43 1.73 21.97
CA LYS B 63 -29.41 2.03 22.97
C LYS B 63 -28.63 3.29 22.63
N PHE B 64 -28.27 3.44 21.35
CA PHE B 64 -27.51 4.60 20.89
C PHE B 64 -28.30 5.88 21.09
N LEU B 65 -29.58 5.84 20.75
CA LEU B 65 -30.48 6.99 20.86
C LEU B 65 -30.83 7.32 22.31
N GLY B 66 -30.47 6.43 23.22
CA GLY B 66 -30.68 6.69 24.65
C GLY B 66 -32.06 6.28 25.10
N THR B 67 -32.73 5.48 24.27
CA THR B 67 -34.02 4.93 24.60
C THR B 67 -33.87 3.49 25.09
N HIS B 68 -35.02 2.91 25.44
CA HIS B 68 -35.14 1.70 26.24
C HIS B 68 -35.33 0.46 25.38
N TRP B 69 -36.10 -0.49 25.90
CA TRP B 69 -36.40 -1.72 25.16
C TRP B 69 -37.56 -1.53 24.20
N LEU B 70 -38.49 -0.65 24.56
CA LEU B 70 -39.70 -0.46 23.76
C LEU B 70 -39.34 0.10 22.39
N MET B 71 -38.45 1.09 22.37
CA MET B 71 -38.09 1.75 21.12
C MET B 71 -37.47 0.79 20.10
N GLY B 72 -36.60 -0.11 20.57
CA GLY B 72 -35.98 -1.10 19.70
C GLY B 72 -37.00 -1.91 18.91
N ASN B 73 -38.01 -2.43 19.63
CA ASN B 73 -39.09 -3.18 19.01
C ASN B 73 -39.94 -2.37 18.05
N ILE B 74 -40.21 -1.11 18.39
CA ILE B 74 -40.95 -0.19 17.52
C ILE B 74 -40.20 0.06 16.19
N LEU B 75 -38.90 0.34 16.30
CA LEU B 75 -38.08 0.52 15.10
C LEU B 75 -38.12 -0.73 14.21
N ARG B 76 -38.04 -1.89 14.85
CA ARG B 76 -38.04 -3.15 14.13
C ARG B 76 -39.36 -3.36 13.37
N LEU B 77 -40.47 -2.96 13.99
CA LEU B 77 -41.77 -3.07 13.35
C LEU B 77 -41.88 -2.12 12.16
N LEU B 78 -41.34 -0.93 12.31
CA LEU B 78 -41.40 0.09 11.26
C LEU B 78 -40.48 -0.23 10.06
N PHE B 79 -39.26 -0.67 10.36
CA PHE B 79 -38.21 -0.77 9.32
C PHE B 79 -37.66 -2.17 9.06
N GLY B 80 -38.12 -3.16 9.82
CA GLY B 80 -37.57 -4.52 9.77
C GLY B 80 -37.69 -5.32 8.47
N SER B 81 -38.60 -4.91 7.59
CA SER B 81 -38.76 -5.59 6.29
C SER B 81 -38.50 -4.67 5.10
N MET B 82 -38.03 -3.46 5.39
CA MET B 82 -37.62 -2.52 4.36
C MET B 82 -36.44 -3.07 3.56
N THR B 83 -36.47 -2.90 2.25
CA THR B 83 -35.40 -3.33 1.36
C THR B 83 -34.63 -2.12 0.84
N THR B 84 -33.53 -2.40 0.17
CA THR B 84 -32.75 -1.38 -0.53
C THR B 84 -32.50 -1.89 -1.96
N PRO B 85 -32.50 -0.98 -2.96
CA PRO B 85 -32.50 -1.36 -4.40
C PRO B 85 -31.21 -1.98 -4.95
N ALA B 86 -30.85 -3.14 -4.42
CA ALA B 86 -29.77 -3.95 -4.95
C ALA B 86 -30.19 -5.42 -5.02
N ASN B 87 -29.64 -6.12 -6.01
CA ASN B 87 -29.97 -7.52 -6.27
C ASN B 87 -29.15 -8.44 -5.37
N TRP B 88 -29.78 -9.02 -4.35
CA TRP B 88 -29.10 -9.86 -3.34
C TRP B 88 -28.46 -11.11 -3.94
N ASN B 89 -27.13 -11.21 -3.80
CA ASN B 89 -26.32 -12.35 -4.29
C ASN B 89 -26.27 -12.52 -5.82
N SER B 90 -26.67 -11.48 -6.55
CA SER B 90 -26.59 -11.50 -8.02
C SER B 90 -25.14 -11.68 -8.47
N PRO B 91 -24.89 -12.46 -9.55
CA PRO B 91 -23.49 -12.64 -9.98
C PRO B 91 -22.79 -11.33 -10.38
N LEU B 92 -21.47 -11.28 -10.23
CA LEU B 92 -20.70 -10.11 -10.64
C LEU B 92 -20.67 -9.98 -12.17
N ARG B 93 -20.92 -8.78 -12.69
CA ARG B 93 -20.71 -8.51 -14.11
C ARG B 93 -19.25 -8.80 -14.52
N PRO B 94 -19.04 -9.81 -15.40
CA PRO B 94 -17.69 -10.25 -15.77
C PRO B 94 -17.06 -9.42 -16.89
N GLY B 95 -15.75 -9.60 -17.10
CA GLY B 95 -15.04 -9.01 -18.24
C GLY B 95 -14.50 -7.60 -18.07
N GLU B 96 -14.49 -7.11 -16.83
CA GLU B 96 -13.93 -5.80 -16.54
C GLU B 96 -13.24 -5.76 -15.16
N LYS B 97 -12.31 -4.82 -15.01
CA LYS B 97 -11.76 -4.51 -13.68
C LYS B 97 -12.41 -3.24 -13.16
N TYR B 98 -12.85 -3.29 -11.91
CA TYR B 98 -13.56 -2.17 -11.31
C TYR B 98 -12.68 -1.47 -10.29
N PRO B 99 -12.78 -0.13 -10.21
CA PRO B 99 -12.14 0.57 -9.10
C PRO B 99 -12.86 0.21 -7.81
N LEU B 100 -12.22 0.47 -6.69
CA LEU B 100 -12.73 -0.03 -5.42
C LEU B 100 -12.82 1.11 -4.42
N VAL B 101 -13.97 1.20 -3.74
CA VAL B 101 -14.15 2.11 -2.63
C VAL B 101 -14.33 1.28 -1.37
N VAL B 102 -13.58 1.61 -0.33
CA VAL B 102 -13.82 1.09 1.00
C VAL B 102 -14.58 2.20 1.73
N PHE B 103 -15.69 1.85 2.37
CA PHE B 103 -16.56 2.85 2.98
C PHE B 103 -16.69 2.65 4.48
N SER B 104 -16.51 3.73 5.27
CA SER B 104 -16.54 3.65 6.72
C SER B 104 -17.76 4.39 7.29
N HIS B 105 -18.54 3.68 8.10
CA HIS B 105 -19.78 4.20 8.69
C HIS B 105 -19.54 5.10 9.89
N GLY B 106 -20.53 5.92 10.28
CA GLY B 106 -20.38 6.77 11.47
C GLY B 106 -20.67 6.10 12.81
N LEU B 107 -20.60 6.89 13.89
CA LEU B 107 -20.85 6.40 15.24
C LEU B 107 -22.32 6.04 15.32
N GLY B 108 -22.62 4.86 15.84
CA GLY B 108 -24.01 4.43 16.02
C GLY B 108 -24.60 3.81 14.77
N ALA B 109 -23.82 3.79 13.68
CA ALA B 109 -24.26 3.15 12.46
C ALA B 109 -23.69 1.73 12.39
N PHE B 110 -23.73 1.18 11.19
CA PHE B 110 -23.24 -0.16 10.86
C PHE B 110 -23.21 -0.27 9.32
N ARG B 111 -22.88 -1.44 8.76
CA ARG B 111 -22.43 -1.50 7.36
C ARG B 111 -23.53 -1.24 6.31
N THR B 112 -24.80 -1.40 6.72
CA THR B 112 -25.89 -1.39 5.75
C THR B 112 -26.55 -0.02 5.54
N LEU B 113 -26.15 0.99 6.32
CA LEU B 113 -26.92 2.25 6.41
C LEU B 113 -26.51 3.33 5.41
N TYR B 114 -25.62 2.98 4.48
CA TYR B 114 -25.16 3.93 3.46
C TYR B 114 -25.33 3.33 2.08
N SER B 115 -26.43 2.62 1.90
CA SER B 115 -26.71 1.97 0.63
C SER B 115 -27.04 2.99 -0.45
N ALA B 116 -27.62 4.14 -0.11
CA ALA B 116 -27.95 5.10 -1.16
C ALA B 116 -26.66 5.48 -1.90
N ILE B 117 -25.60 5.70 -1.12
CA ILE B 117 -24.29 6.04 -1.68
C ILE B 117 -23.65 4.82 -2.33
N GLY B 118 -23.63 3.71 -1.61
CA GLY B 118 -22.99 2.49 -2.11
C GLY B 118 -23.57 2.01 -3.43
N ILE B 119 -24.90 2.02 -3.52
CA ILE B 119 -25.62 1.59 -4.72
C ILE B 119 -25.36 2.58 -5.87
N ASP B 120 -25.35 3.87 -5.58
CA ASP B 120 -25.06 4.84 -6.65
C ASP B 120 -23.64 4.66 -7.20
N LEU B 121 -22.65 4.52 -6.32
CA LEU B 121 -21.29 4.22 -6.75
C LEU B 121 -21.23 2.91 -7.58
N ALA B 122 -21.88 1.86 -7.10
CA ALA B 122 -21.84 0.59 -7.85
C ALA B 122 -22.49 0.75 -9.23
N SER B 123 -23.59 1.49 -9.28
CA SER B 123 -24.29 1.75 -10.57
C SER B 123 -23.42 2.48 -11.61
N HIS B 124 -22.34 3.13 -11.15
CA HIS B 124 -21.38 3.82 -12.02
C HIS B 124 -20.09 3.01 -12.20
N GLY B 125 -20.08 1.74 -11.78
CA GLY B 125 -18.96 0.85 -12.10
C GLY B 125 -17.90 0.67 -11.04
N PHE B 126 -18.24 0.98 -9.79
CA PHE B 126 -17.34 0.74 -8.66
C PHE B 126 -17.75 -0.54 -7.96
N ILE B 127 -16.78 -1.22 -7.36
CA ILE B 127 -17.11 -2.15 -6.28
C ILE B 127 -16.97 -1.35 -4.97
N VAL B 128 -17.96 -1.46 -4.09
CA VAL B 128 -17.95 -0.74 -2.81
C VAL B 128 -17.93 -1.75 -1.66
N ALA B 129 -16.94 -1.65 -0.79
CA ALA B 129 -16.86 -2.54 0.38
C ALA B 129 -17.19 -1.68 1.60
N ALA B 130 -18.42 -1.81 2.12
CA ALA B 130 -18.88 -1.04 3.30
C ALA B 130 -18.53 -1.86 4.53
N VAL B 131 -17.50 -1.44 5.24
CA VAL B 131 -16.99 -2.21 6.42
C VAL B 131 -17.93 -2.08 7.61
N GLU B 132 -18.04 -3.13 8.43
CA GLU B 132 -18.69 -2.96 9.71
C GLU B 132 -17.58 -2.96 10.74
N HIS B 133 -17.49 -1.89 11.52
CA HIS B 133 -16.41 -1.76 12.46
C HIS B 133 -16.68 -2.49 13.76
N ARG B 134 -15.61 -3.05 14.34
CA ARG B 134 -15.69 -3.81 15.60
C ARG B 134 -14.97 -3.03 16.71
N ASP B 135 -14.82 -1.72 16.51
CA ASP B 135 -14.19 -0.82 17.51
C ASP B 135 -15.18 -0.41 18.60
N ARG B 136 -16.40 -0.99 18.58
CA ARG B 136 -17.46 -0.62 19.53
C ARG B 136 -18.08 0.77 19.24
N SER B 137 -17.92 1.26 18.00
CA SER B 137 -18.62 2.48 17.54
C SER B 137 -19.92 2.16 16.80
N ALA B 138 -20.06 0.92 16.33
CA ALA B 138 -21.28 0.48 15.63
C ALA B 138 -22.38 0.32 16.67
N SER B 139 -23.60 0.70 16.33
CA SER B 139 -24.73 0.50 17.27
C SER B 139 -24.75 -0.96 17.71
N ALA B 140 -24.54 -1.85 16.74
CA ALA B 140 -24.32 -3.27 17.00
C ALA B 140 -23.49 -3.85 15.87
N THR B 141 -22.74 -4.90 16.20
CA THR B 141 -22.17 -5.79 15.19
C THR B 141 -22.06 -7.19 15.81
N TYR B 142 -21.70 -8.19 15.01
CA TYR B 142 -21.55 -9.55 15.56
C TYR B 142 -20.36 -10.27 14.98
N TYR B 143 -20.00 -11.38 15.62
CA TYR B 143 -18.92 -12.25 15.20
C TYR B 143 -19.28 -13.64 15.73
N PHE B 144 -18.41 -14.62 15.51
CA PHE B 144 -18.67 -15.94 16.05
C PHE B 144 -17.52 -16.34 16.96
N LYS B 145 -17.84 -16.99 18.08
CA LYS B 145 -16.80 -17.33 19.05
C LYS B 145 -15.83 -18.39 18.54
N ASP B 146 -16.32 -19.28 17.68
CA ASP B 146 -15.50 -20.30 17.03
C ASP B 146 -16.19 -20.79 15.77
N GLN B 147 -15.51 -21.66 15.01
CA GLN B 147 -16.11 -22.18 13.79
C GLN B 147 -17.43 -22.92 14.03
N SER B 148 -17.50 -23.66 15.14
CA SER B 148 -18.71 -24.38 15.56
C SER B 148 -19.91 -23.45 15.63
N ALA B 149 -19.71 -22.28 16.24
CA ALA B 149 -20.76 -21.26 16.36
C ALA B 149 -21.15 -20.73 14.98
N ALA B 150 -20.16 -20.49 14.12
CA ALA B 150 -20.47 -19.98 12.77
C ALA B 150 -21.36 -20.95 11.98
N GLU B 151 -21.07 -22.24 12.10
CA GLU B 151 -21.78 -23.29 11.34
C GLU B 151 -23.25 -23.39 11.73
N ILE B 152 -23.57 -22.96 12.95
CA ILE B 152 -24.94 -23.00 13.45
C ILE B 152 -25.58 -21.59 13.54
N GLY B 153 -24.84 -20.59 13.05
CA GLY B 153 -25.33 -19.20 13.07
C GLY B 153 -25.60 -18.68 14.46
N ASP B 154 -24.81 -19.17 15.42
CA ASP B 154 -24.88 -18.69 16.81
C ASP B 154 -24.05 -17.41 16.96
N LYS B 155 -24.67 -16.27 16.68
CA LYS B 155 -23.96 -14.98 16.68
C LYS B 155 -23.69 -14.48 18.09
N SER B 156 -22.54 -13.84 18.28
CA SER B 156 -22.24 -13.10 19.49
C SER B 156 -22.23 -11.62 19.16
N TRP B 157 -23.08 -10.87 19.85
CA TRP B 157 -23.30 -9.45 19.56
C TRP B 157 -22.45 -8.56 20.45
N LEU B 158 -21.97 -7.47 19.85
CA LEU B 158 -21.19 -6.44 20.50
C LEU B 158 -21.88 -5.11 20.29
N TYR B 159 -22.33 -4.48 21.37
CA TYR B 159 -23.05 -3.22 21.24
C TYR B 159 -22.14 -2.01 21.45
N LEU B 160 -22.60 -0.88 20.93
CA LEU B 160 -21.89 0.38 21.09
C LEU B 160 -21.54 0.63 22.56
N ARG B 161 -20.31 1.08 22.77
CA ARG B 161 -19.82 1.43 24.09
C ARG B 161 -20.10 2.90 24.35
N THR B 162 -20.72 3.21 25.50
CA THR B 162 -20.84 4.61 25.91
C THR B 162 -19.64 4.97 26.76
N LEU B 163 -19.17 6.21 26.66
CA LEU B 163 -17.91 6.59 27.28
C LEU B 163 -18.11 7.70 28.29
N LYS B 164 -17.25 7.71 29.31
CA LYS B 164 -17.20 8.84 30.24
C LYS B 164 -16.54 10.02 29.54
N GLN B 165 -17.00 11.22 29.88
CA GLN B 165 -16.42 12.45 29.36
C GLN B 165 -14.88 12.45 29.35
N GLU B 166 -14.26 12.05 30.47
CA GLU B 166 -12.80 12.05 30.62
C GLU B 166 -12.07 10.98 29.81
N GLU B 167 -12.82 9.98 29.34
CA GLU B 167 -12.31 8.89 28.51
C GLU B 167 -12.29 9.26 27.03
N GLU B 168 -13.11 10.24 26.65
CA GLU B 168 -13.44 10.45 25.23
C GLU B 168 -12.22 10.68 24.34
N THR B 169 -11.32 11.56 24.76
CA THR B 169 -10.17 11.91 23.93
C THR B 169 -9.32 10.69 23.58
N HIS B 170 -8.98 9.92 24.59
CA HIS B 170 -8.11 8.77 24.38
C HIS B 170 -8.82 7.68 23.60
N ILE B 171 -10.03 7.35 24.04
CA ILE B 171 -10.72 6.21 23.47
C ILE B 171 -11.12 6.50 22.02
N ARG B 172 -11.62 7.69 21.73
CA ARG B 172 -11.97 7.95 20.32
C ARG B 172 -10.76 7.81 19.41
N ASN B 173 -9.57 8.18 19.90
CA ASN B 173 -8.39 8.08 19.06
C ASN B 173 -7.98 6.64 18.87
N GLU B 174 -8.06 5.85 19.93
CA GLU B 174 -7.84 4.40 19.79
C GLU B 174 -8.83 3.76 18.80
N GLN B 175 -10.10 4.16 18.88
CA GLN B 175 -11.10 3.67 17.96
C GLN B 175 -10.78 4.05 16.52
N VAL B 176 -10.37 5.29 16.27
CA VAL B 176 -10.12 5.70 14.87
C VAL B 176 -8.93 4.94 14.30
N ARG B 177 -8.00 4.57 15.18
CA ARG B 177 -6.85 3.74 14.73
C ARG B 177 -7.31 2.31 14.40
N GLN B 178 -8.21 1.77 15.21
CA GLN B 178 -8.79 0.47 14.92
C GLN B 178 -9.57 0.50 13.62
N ARG B 179 -10.31 1.59 13.41
CA ARG B 179 -11.11 1.74 12.18
C ARG B 179 -10.21 1.79 10.94
N ALA B 180 -9.09 2.48 11.05
CA ALA B 180 -8.13 2.53 9.95
C ALA B 180 -7.57 1.14 9.68
N LYS B 181 -7.22 0.43 10.74
CA LYS B 181 -6.71 -0.93 10.62
C LYS B 181 -7.75 -1.79 9.90
N GLU B 182 -9.01 -1.61 10.31
CA GLU B 182 -10.12 -2.34 9.65
C GLU B 182 -10.31 -2.02 8.17
N CYS B 183 -10.14 -0.77 7.79
CA CYS B 183 -10.25 -0.43 6.38
C CYS B 183 -9.09 -1.02 5.58
N SER B 184 -7.90 -0.98 6.17
CA SER B 184 -6.70 -1.56 5.53
C SER B 184 -6.82 -3.08 5.42
N GLN B 185 -7.35 -3.73 6.46
CA GLN B 185 -7.55 -5.18 6.42
C GLN B 185 -8.60 -5.59 5.37
N ALA B 186 -9.67 -4.79 5.25
CA ALA B 186 -10.67 -5.06 4.24
C ALA B 186 -10.08 -4.96 2.82
N LEU B 187 -9.25 -3.95 2.59
CA LEU B 187 -8.61 -3.79 1.30
C LEU B 187 -7.70 -4.97 0.98
N SER B 188 -6.89 -5.37 1.98
CA SER B 188 -5.96 -6.50 1.81
C SER B 188 -6.74 -7.78 1.50
N LEU B 189 -7.84 -7.98 2.20
CA LEU B 189 -8.67 -9.16 1.93
C LEU B 189 -9.18 -9.17 0.49
N ILE B 190 -9.73 -8.04 0.04
CA ILE B 190 -10.29 -7.97 -1.31
C ILE B 190 -9.18 -8.10 -2.35
N LEU B 191 -8.04 -7.45 -2.10
CA LEU B 191 -6.90 -7.59 -3.04
C LEU B 191 -6.40 -9.02 -3.12
N ASP B 192 -6.35 -9.70 -1.96
CA ASP B 192 -5.97 -11.12 -1.91
C ASP B 192 -6.93 -12.01 -2.69
N ILE B 193 -8.22 -11.77 -2.52
CA ILE B 193 -9.26 -12.48 -3.28
C ILE B 193 -9.11 -12.19 -4.78
N ASP B 194 -8.82 -10.93 -5.13
CA ASP B 194 -8.53 -10.54 -6.52
C ASP B 194 -7.43 -11.41 -7.16
N HIS B 195 -6.45 -11.80 -6.35
CA HIS B 195 -5.30 -12.61 -6.81
C HIS B 195 -5.47 -14.09 -6.45
N GLY B 196 -6.72 -14.49 -6.20
CA GLY B 196 -7.09 -15.90 -6.02
C GLY B 196 -7.00 -16.58 -4.67
N LYS B 197 -6.79 -15.81 -3.60
CA LYS B 197 -6.84 -16.37 -2.23
C LYS B 197 -8.20 -17.04 -2.00
N PRO B 198 -8.21 -18.33 -1.57
CA PRO B 198 -9.51 -18.93 -1.28
C PRO B 198 -10.08 -18.37 0.02
N VAL B 199 -11.38 -18.11 0.05
CA VAL B 199 -12.00 -17.57 1.25
C VAL B 199 -13.27 -18.34 1.58
N LYS B 200 -13.37 -18.77 2.83
CA LYS B 200 -14.61 -19.36 3.32
C LYS B 200 -15.38 -18.30 4.12
N ASN B 201 -16.39 -17.73 3.48
CA ASN B 201 -17.31 -16.79 4.11
C ASN B 201 -17.94 -17.41 5.36
N ALA B 202 -17.79 -16.76 6.52
CA ALA B 202 -18.39 -17.26 7.76
C ALA B 202 -19.90 -17.27 7.67
N LEU B 203 -20.43 -16.43 6.79
CA LEU B 203 -21.83 -16.39 6.48
C LEU B 203 -22.03 -17.32 5.29
N ASP B 204 -23.03 -18.16 5.37
CA ASP B 204 -23.18 -19.15 4.33
C ASP B 204 -24.13 -18.58 3.28
N LEU B 205 -23.57 -17.81 2.36
CA LEU B 205 -24.38 -17.10 1.36
C LEU B 205 -24.11 -17.63 -0.05
N LYS B 206 -25.09 -17.49 -0.93
CA LYS B 206 -25.02 -18.02 -2.30
C LYS B 206 -24.35 -17.08 -3.27
N PHE B 207 -23.20 -16.54 -2.87
CA PHE B 207 -22.37 -15.74 -3.76
C PHE B 207 -20.97 -16.28 -3.63
N ASP B 208 -20.43 -16.75 -4.76
CA ASP B 208 -19.10 -17.33 -4.78
C ASP B 208 -18.06 -16.22 -4.84
N MET B 209 -17.28 -16.08 -3.78
CA MET B 209 -16.30 -15.01 -3.69
C MET B 209 -15.19 -15.11 -4.75
N GLU B 210 -14.99 -16.31 -5.30
CA GLU B 210 -13.99 -16.54 -6.37
C GLU B 210 -14.30 -15.79 -7.67
N GLN B 211 -15.55 -15.35 -7.83
CA GLN B 211 -15.94 -14.45 -8.92
C GLN B 211 -15.14 -13.15 -8.94
N LEU B 212 -14.60 -12.76 -7.77
CA LEU B 212 -13.85 -11.53 -7.65
C LEU B 212 -12.41 -11.64 -8.15
N LYS B 213 -11.96 -12.85 -8.48
CA LYS B 213 -10.63 -13.03 -9.07
C LYS B 213 -10.48 -12.14 -10.29
N ASP B 214 -9.37 -11.39 -10.33
CA ASP B 214 -9.06 -10.47 -11.44
C ASP B 214 -10.14 -9.43 -11.73
N SER B 215 -10.92 -9.07 -10.70
CA SER B 215 -12.02 -8.10 -10.86
C SER B 215 -11.69 -6.68 -10.38
N ILE B 216 -10.57 -6.48 -9.71
CA ILE B 216 -10.23 -5.18 -9.13
C ILE B 216 -9.13 -4.46 -9.91
N ASP B 217 -9.36 -3.19 -10.24
CA ASP B 217 -8.28 -2.32 -10.70
C ASP B 217 -7.48 -1.88 -9.49
N ARG B 218 -6.38 -2.58 -9.23
CA ARG B 218 -5.62 -2.47 -7.99
C ARG B 218 -4.95 -1.12 -7.78
N GLU B 219 -4.89 -0.31 -8.82
CA GLU B 219 -4.30 1.04 -8.69
C GLU B 219 -5.36 2.10 -8.42
N LYS B 220 -6.64 1.71 -8.51
CA LYS B 220 -7.72 2.69 -8.40
C LYS B 220 -8.54 2.44 -7.14
N ILE B 221 -7.94 2.79 -6.01
CA ILE B 221 -8.53 2.49 -4.70
C ILE B 221 -8.79 3.77 -3.92
N ALA B 222 -10.01 3.92 -3.39
CA ALA B 222 -10.37 5.11 -2.61
C ALA B 222 -11.02 4.72 -1.29
N VAL B 223 -11.00 5.64 -0.31
CA VAL B 223 -11.71 5.44 0.94
C VAL B 223 -12.66 6.61 1.15
N ILE B 224 -13.91 6.29 1.50
CA ILE B 224 -14.96 7.27 1.72
C ILE B 224 -15.62 6.95 3.05
N GLY B 225 -16.12 7.96 3.76
CA GLY B 225 -16.78 7.65 5.04
C GLY B 225 -17.52 8.83 5.58
N HIS B 226 -18.48 8.58 6.48
CA HIS B 226 -19.35 9.62 7.01
C HIS B 226 -19.09 9.76 8.49
N SER B 227 -18.91 11.22 9.03
CA SER B 227 -18.93 11.56 10.46
C SER B 227 -17.73 10.91 11.11
N PHE B 228 -17.80 9.76 12.08
CA PHE B 228 -16.58 9.05 12.57
C PHE B 228 -15.89 8.43 11.35
N GLY B 229 -16.66 7.99 10.34
CA GLY B 229 -16.10 7.43 9.09
C GLY B 229 -15.27 8.44 8.30
N GLY B 230 -15.64 9.72 8.41
CA GLY B 230 -14.85 10.80 7.82
C GLY B 230 -13.49 10.99 8.47
N ALA B 231 -13.41 10.94 9.81
CA ALA B 231 -12.11 10.88 10.47
C ALA B 231 -11.37 9.60 10.06
N THR B 232 -12.12 8.52 9.85
CA THR B 232 -11.51 7.24 9.46
C THR B 232 -10.84 7.36 8.10
N VAL B 233 -11.46 8.11 7.19
CA VAL B 233 -10.86 8.40 5.88
C VAL B 233 -9.46 9.00 6.06
N ILE B 234 -9.36 10.00 6.92
CA ILE B 234 -8.08 10.68 7.16
C ILE B 234 -7.03 9.77 7.82
N GLN B 235 -7.44 9.01 8.83
CA GLN B 235 -6.50 8.14 9.52
C GLN B 235 -6.04 7.04 8.53
N THR B 236 -6.97 6.53 7.71
CA THR B 236 -6.64 5.45 6.76
C THR B 236 -5.66 5.95 5.69
N LEU B 237 -5.91 7.14 5.15
CA LEU B 237 -5.01 7.70 4.15
C LEU B 237 -3.62 7.88 4.73
N SER B 238 -3.54 8.38 5.96
CA SER B 238 -2.24 8.61 6.57
C SER B 238 -1.50 7.28 6.83
N GLU B 239 -2.24 6.20 7.08
CA GLU B 239 -1.64 4.93 7.46
C GLU B 239 -1.38 4.01 6.28
N ASP B 240 -2.08 4.21 5.17
CA ASP B 240 -2.11 3.21 4.10
C ASP B 240 -2.01 3.87 2.73
N GLN B 241 -0.78 3.89 2.22
CA GLN B 241 -0.47 4.52 0.95
C GLN B 241 -1.13 3.81 -0.28
N ARG B 242 -1.73 2.63 -0.11
CA ARG B 242 -2.46 1.99 -1.22
C ARG B 242 -3.69 2.76 -1.62
N PHE B 243 -4.27 3.47 -0.64
CA PHE B 243 -5.41 4.31 -0.96
C PHE B 243 -4.94 5.58 -1.70
N ARG B 244 -5.57 5.85 -2.82
CA ARG B 244 -5.13 6.91 -3.73
C ARG B 244 -5.75 8.26 -3.42
N CYS B 245 -6.95 8.24 -2.86
CA CYS B 245 -7.64 9.48 -2.49
C CYS B 245 -8.73 9.17 -1.49
N GLY B 246 -9.27 10.21 -0.86
CA GLY B 246 -10.31 9.99 0.16
C GLY B 246 -11.36 11.06 0.05
N ILE B 247 -12.58 10.72 0.44
CA ILE B 247 -13.70 11.68 0.49
C ILE B 247 -14.31 11.55 1.89
N ALA B 248 -14.29 12.67 2.64
CA ALA B 248 -14.82 12.73 4.01
C ALA B 248 -16.17 13.42 3.94
N LEU B 249 -17.22 12.66 4.27
CA LEU B 249 -18.60 13.18 4.24
C LEU B 249 -18.94 13.61 5.66
N ASP B 250 -19.01 14.93 5.85
CA ASP B 250 -19.30 15.50 7.17
C ASP B 250 -18.44 14.87 8.27
N ALA B 251 -17.12 14.94 8.10
CA ALA B 251 -16.21 14.37 9.07
C ALA B 251 -16.40 14.95 10.45
N TRP B 252 -16.33 14.09 11.44
CA TRP B 252 -16.25 14.50 12.84
C TRP B 252 -14.78 14.30 13.20
N MET B 253 -14.07 15.42 13.41
CA MET B 253 -12.58 15.44 13.42
C MET B 253 -12.01 15.14 14.79
N PHE B 254 -12.87 15.18 15.81
CA PHE B 254 -12.44 14.98 17.20
C PHE B 254 -11.50 13.79 17.44
N PRO B 255 -11.80 12.60 16.88
CA PRO B 255 -10.97 11.43 17.17
C PRO B 255 -9.51 11.54 16.76
N LEU B 256 -9.18 12.47 15.87
CA LEU B 256 -7.87 12.46 15.23
C LEU B 256 -6.84 13.11 16.14
N GLY B 257 -5.66 12.51 16.16
CA GLY B 257 -4.50 13.08 16.86
C GLY B 257 -3.93 14.25 16.08
N ASP B 258 -3.31 15.19 16.81
CA ASP B 258 -2.81 16.40 16.15
C ASP B 258 -1.66 16.11 15.15
N GLU B 259 -1.02 14.97 15.32
CA GLU B 259 0.09 14.56 14.44
C GLU B 259 -0.32 14.19 13.01
N VAL B 260 -1.58 13.80 12.84
CA VAL B 260 -2.02 13.26 11.56
C VAL B 260 -2.23 14.33 10.47
N TYR B 261 -2.55 15.56 10.89
CA TYR B 261 -3.03 16.57 9.94
C TYR B 261 -2.04 16.92 8.85
N SER B 262 -0.75 16.82 9.18
CA SER B 262 0.33 17.12 8.24
C SER B 262 0.85 15.86 7.56
N ARG B 263 0.16 14.74 7.75
CA ARG B 263 0.65 13.44 7.26
C ARG B 263 -0.32 12.74 6.33
N ILE B 264 -0.96 13.52 5.47
CA ILE B 264 -1.93 12.99 4.53
C ILE B 264 -1.46 13.31 3.12
N PRO B 265 -0.66 12.41 2.52
CA PRO B 265 -0.21 12.76 1.15
C PRO B 265 -1.27 12.82 0.04
N GLN B 266 -2.33 12.02 0.13
CA GLN B 266 -3.31 11.87 -0.95
C GLN B 266 -4.32 13.03 -1.04
N PRO B 267 -4.89 13.25 -2.24
CA PRO B 267 -5.98 14.20 -2.39
C PRO B 267 -7.15 13.87 -1.48
N LEU B 268 -7.76 14.91 -0.94
CA LEU B 268 -8.77 14.74 0.08
C LEU B 268 -9.89 15.75 -0.15
N PHE B 269 -11.13 15.27 -0.16
CA PHE B 269 -12.32 16.09 -0.43
C PHE B 269 -13.23 16.04 0.78
N PHE B 270 -13.51 17.21 1.34
CA PHE B 270 -14.47 17.34 2.44
C PHE B 270 -15.81 17.76 1.88
N ILE B 271 -16.84 16.93 2.05
CA ILE B 271 -18.20 17.31 1.66
C ILE B 271 -19.01 17.45 2.95
N ASN B 272 -19.42 18.68 3.28
CA ASN B 272 -20.05 18.95 4.57
C ASN B 272 -21.55 19.21 4.48
N SER B 273 -22.26 18.90 5.55
CA SER B 273 -23.62 19.42 5.71
C SER B 273 -23.47 20.83 6.24
N GLU B 274 -24.55 21.60 6.13
CA GLU B 274 -24.52 22.95 6.65
C GLU B 274 -24.64 22.94 8.16
N TYR B 275 -25.61 22.19 8.67
CA TYR B 275 -25.98 22.28 10.07
C TYR B 275 -25.14 21.48 11.04
N PHE B 276 -24.38 20.50 10.56
CA PHE B 276 -23.57 19.73 11.50
C PHE B 276 -22.36 20.53 11.99
N GLN B 277 -21.85 21.38 11.13
CA GLN B 277 -20.49 21.91 11.31
C GLN B 277 -20.35 23.00 12.37
N TYR B 278 -19.13 23.11 12.90
CA TYR B 278 -18.82 24.06 13.93
C TYR B 278 -17.33 24.39 13.88
N PRO B 279 -16.96 25.58 14.33
CA PRO B 279 -15.57 26.03 14.23
C PRO B 279 -14.50 25.03 14.71
N ALA B 280 -14.67 24.39 15.87
CA ALA B 280 -13.60 23.53 16.39
C ALA B 280 -13.34 22.39 15.37
N ASN B 281 -14.40 21.95 14.70
CA ASN B 281 -14.30 20.89 13.68
C ASN B 281 -13.71 21.39 12.35
N ILE B 282 -14.18 22.55 11.89
CA ILE B 282 -13.68 23.18 10.67
C ILE B 282 -12.17 23.53 10.80
N ILE B 283 -11.74 24.02 11.95
CA ILE B 283 -10.32 24.35 12.15
C ILE B 283 -9.43 23.11 11.92
N LYS B 284 -9.91 21.94 12.35
CA LYS B 284 -9.15 20.72 12.15
C LYS B 284 -9.09 20.32 10.68
N MET B 285 -10.20 20.50 9.97
CA MET B 285 -10.17 20.29 8.52
C MET B 285 -9.16 21.20 7.86
N LYS B 286 -9.13 22.46 8.29
CA LYS B 286 -8.16 23.40 7.69
C LYS B 286 -6.70 23.05 7.99
N LYS B 287 -6.46 22.38 9.11
CA LYS B 287 -5.09 21.97 9.48
C LYS B 287 -4.56 20.93 8.49
N CYS B 288 -5.46 20.28 7.76
CA CYS B 288 -5.08 19.30 6.73
C CYS B 288 -4.52 19.97 5.47
N TYR B 289 -4.79 21.28 5.31
CA TYR B 289 -4.48 21.96 4.05
C TYR B 289 -3.00 22.33 3.97
N SER B 290 -2.47 22.33 2.75
CA SER B 290 -1.06 22.62 2.50
C SER B 290 -0.89 22.94 1.02
N PRO B 291 -0.04 23.94 0.70
CA PRO B 291 0.21 24.39 -0.68
C PRO B 291 0.48 23.23 -1.66
N ASP B 292 1.23 22.23 -1.19
CA ASP B 292 1.67 21.14 -2.05
C ASP B 292 0.66 19.99 -2.15
N LYS B 293 -0.44 20.06 -1.40
CA LYS B 293 -1.40 18.96 -1.35
C LYS B 293 -2.76 19.38 -1.89
N GLU B 294 -3.46 18.42 -2.51
CA GLU B 294 -4.73 18.68 -3.13
C GLU B 294 -5.84 18.50 -2.08
N ARG B 295 -6.55 19.59 -1.82
CA ARG B 295 -7.69 19.56 -0.89
C ARG B 295 -8.84 20.35 -1.46
N LYS B 296 -10.03 19.80 -1.33
CA LYS B 296 -11.24 20.51 -1.72
C LYS B 296 -12.26 20.41 -0.59
N MET B 297 -13.16 21.40 -0.55
CA MET B 297 -14.25 21.40 0.43
C MET B 297 -15.47 22.05 -0.19
N ILE B 298 -16.64 21.42 0.03
CA ILE B 298 -17.93 22.04 -0.26
C ILE B 298 -18.91 21.80 0.88
N THR B 299 -19.89 22.69 1.00
CA THR B 299 -20.94 22.53 1.97
C THR B 299 -22.27 22.53 1.21
N ILE B 300 -23.13 21.57 1.55
CA ILE B 300 -24.44 21.45 0.89
C ILE B 300 -25.43 22.31 1.67
N ARG B 301 -25.91 23.39 1.03
CA ARG B 301 -26.80 24.34 1.69
C ARG B 301 -28.07 23.67 2.21
N GLY B 302 -28.37 23.95 3.48
CA GLY B 302 -29.59 23.50 4.12
C GLY B 302 -29.58 22.06 4.61
N SER B 303 -28.47 21.37 4.43
CA SER B 303 -28.42 19.94 4.75
C SER B 303 -28.09 19.72 6.22
N VAL B 304 -28.44 18.54 6.74
CA VAL B 304 -28.12 18.16 8.10
C VAL B 304 -27.20 16.93 8.06
N HIS B 305 -26.64 16.55 9.21
CA HIS B 305 -25.71 15.42 9.28
C HIS B 305 -26.28 14.15 8.67
N GLN B 306 -27.56 13.90 8.91
CA GLN B 306 -28.21 12.67 8.43
C GLN B 306 -28.49 12.61 6.94
N ASN B 307 -28.32 13.72 6.23
CA ASN B 307 -28.50 13.71 4.76
C ASN B 307 -27.59 12.67 4.03
N PHE B 308 -26.51 12.25 4.66
CA PHE B 308 -25.59 11.33 4.01
C PHE B 308 -25.96 9.86 4.23
N ALA B 309 -26.82 9.59 5.21
CA ALA B 309 -27.15 8.21 5.61
C ALA B 309 -28.57 7.84 5.20
N ASP B 310 -28.88 6.54 5.20
CA ASP B 310 -30.12 6.05 4.61
C ASP B 310 -31.38 6.46 5.37
N PHE B 311 -31.28 6.84 6.65
CA PHE B 311 -32.49 7.16 7.43
C PHE B 311 -33.15 8.44 6.90
N THR B 312 -32.39 9.20 6.10
CA THR B 312 -32.95 10.41 5.48
C THR B 312 -34.04 10.05 4.49
N PHE B 313 -34.06 8.78 4.05
CA PHE B 313 -35.06 8.28 3.09
C PHE B 313 -36.16 7.44 3.73
N ALA B 314 -35.99 7.09 5.00
CA ALA B 314 -36.85 6.09 5.62
C ALA B 314 -38.15 6.60 6.23
N THR B 315 -38.28 7.91 6.42
CA THR B 315 -39.53 8.48 6.92
C THR B 315 -40.10 9.49 5.92
N GLY B 316 -41.28 10.01 6.23
CA GLY B 316 -41.87 11.09 5.46
C GLY B 316 -41.22 12.41 5.82
N LYS B 317 -41.57 13.46 5.08
CA LYS B 317 -40.92 14.76 5.23
C LYS B 317 -41.18 15.47 6.56
N ILE B 318 -42.42 15.39 7.07
CA ILE B 318 -42.73 16.05 8.36
C ILE B 318 -42.05 15.34 9.54
N ILE B 319 -42.15 14.02 9.59
CA ILE B 319 -41.49 13.24 10.64
C ILE B 319 -39.98 13.40 10.49
N GLY B 320 -39.52 13.35 9.25
CA GLY B 320 -38.09 13.44 8.95
C GLY B 320 -37.48 14.73 9.43
N HIS B 321 -38.16 15.83 9.16
CA HIS B 321 -37.64 17.13 9.56
C HIS B 321 -37.61 17.29 11.07
N MET B 322 -38.64 16.77 11.74
CA MET B 322 -38.76 16.87 13.18
C MET B 322 -37.67 16.10 13.90
N LEU B 323 -37.28 14.97 13.32
CA LEU B 323 -36.29 14.09 13.93
C LEU B 323 -34.87 14.38 13.44
N LYS B 324 -34.72 15.45 12.67
CA LYS B 324 -33.44 15.87 12.09
C LYS B 324 -32.83 14.79 11.18
N LEU B 325 -33.70 14.03 10.53
CA LEU B 325 -33.25 13.09 9.50
C LEU B 325 -33.22 13.76 8.15
N LYS B 326 -33.94 14.88 8.04
CA LYS B 326 -34.03 15.65 6.82
C LYS B 326 -33.72 17.11 7.12
N GLY B 327 -33.18 17.81 6.13
CA GLY B 327 -32.88 19.22 6.28
C GLY B 327 -33.88 20.02 5.48
N ASP B 328 -33.55 21.28 5.22
CA ASP B 328 -34.44 22.11 4.40
C ASP B 328 -34.41 21.66 2.94
N ILE B 329 -33.25 21.16 2.51
CA ILE B 329 -33.05 20.66 1.16
C ILE B 329 -33.69 19.29 1.01
N ASP B 330 -34.17 18.96 -0.19
CA ASP B 330 -34.72 17.64 -0.48
C ASP B 330 -33.62 16.58 -0.36
N SER B 331 -33.97 15.44 0.25
CA SER B 331 -33.00 14.36 0.50
C SER B 331 -32.42 13.77 -0.78
N ASN B 332 -33.23 13.64 -1.81
CA ASN B 332 -32.70 13.14 -3.08
C ASN B 332 -31.79 14.15 -3.77
N VAL B 333 -32.13 15.43 -3.67
CA VAL B 333 -31.30 16.48 -4.26
C VAL B 333 -29.94 16.50 -3.56
N ALA B 334 -29.96 16.39 -2.23
CA ALA B 334 -28.74 16.47 -1.43
C ALA B 334 -27.81 15.32 -1.76
N ILE B 335 -28.35 14.10 -1.81
CA ILE B 335 -27.50 12.91 -2.01
C ILE B 335 -27.00 12.89 -3.45
N ASP B 336 -27.77 13.48 -4.37
CA ASP B 336 -27.35 13.58 -5.77
C ASP B 336 -26.16 14.50 -5.93
N LEU B 337 -26.17 15.64 -5.22
CA LEU B 337 -25.05 16.58 -5.21
C LEU B 337 -23.81 15.94 -4.60
N SER B 338 -23.96 15.31 -3.44
CA SER B 338 -22.81 14.64 -2.81
C SER B 338 -22.22 13.57 -3.74
N ASN B 339 -23.10 12.74 -4.32
CA ASN B 339 -22.70 11.61 -5.18
C ASN B 339 -22.01 12.08 -6.45
N LYS B 340 -22.57 13.11 -7.08
CA LYS B 340 -22.00 13.65 -8.32
C LYS B 340 -20.66 14.31 -8.06
N ALA B 341 -20.58 15.13 -7.02
CA ALA B 341 -19.31 15.75 -6.66
C ALA B 341 -18.26 14.68 -6.36
N SER B 342 -18.69 13.62 -5.67
CA SER B 342 -17.82 12.52 -5.34
C SER B 342 -17.27 11.82 -6.60
N LEU B 343 -18.16 11.49 -7.52
CA LEU B 343 -17.75 10.83 -8.75
C LEU B 343 -16.74 11.69 -9.53
N ALA B 344 -17.00 13.00 -9.60
CA ALA B 344 -16.07 13.89 -10.30
C ALA B 344 -14.69 13.87 -9.64
N PHE B 345 -14.68 13.92 -8.31
CA PHE B 345 -13.44 13.90 -7.56
C PHE B 345 -12.70 12.58 -7.74
N LEU B 346 -13.44 11.48 -7.72
CA LEU B 346 -12.85 10.16 -7.91
C LEU B 346 -12.29 10.03 -9.34
N GLN B 347 -13.00 10.56 -10.33
CA GLN B 347 -12.45 10.47 -11.70
C GLN B 347 -11.13 11.21 -11.80
N LYS B 348 -11.05 12.40 -11.19
CA LYS B 348 -9.89 13.26 -11.25
C LYS B 348 -8.68 12.62 -10.56
N HIS B 349 -8.90 11.96 -9.43
CA HIS B 349 -7.79 11.53 -8.60
C HIS B 349 -7.45 10.05 -8.62
N LEU B 350 -8.33 9.25 -9.24
CA LEU B 350 -8.08 7.83 -9.52
C LEU B 350 -7.69 7.62 -10.98
N GLY B 351 -7.93 8.64 -11.81
CA GLY B 351 -7.68 8.59 -13.26
C GLY B 351 -8.71 7.79 -14.03
N LEU B 352 -9.98 7.98 -13.69
CA LEU B 352 -11.07 7.20 -14.31
C LEU B 352 -11.41 7.68 -15.73
N HIS B 353 -11.83 6.74 -16.56
CA HIS B 353 -12.17 7.03 -17.96
C HIS B 353 -13.68 7.03 -18.12
N LYS B 354 -14.31 8.00 -17.48
CA LYS B 354 -15.75 8.07 -17.46
C LYS B 354 -16.20 9.48 -17.81
N ASP B 355 -17.49 9.73 -17.68
CA ASP B 355 -18.06 11.05 -17.99
C ASP B 355 -18.26 11.91 -16.75
N PHE B 356 -17.66 11.52 -15.62
CA PHE B 356 -17.92 12.20 -14.34
C PHE B 356 -17.40 13.64 -14.28
N ASP B 357 -16.48 14.00 -15.16
CA ASP B 357 -15.95 15.37 -15.19
C ASP B 357 -17.02 16.41 -15.59
N GLN B 358 -18.18 15.93 -16.05
CA GLN B 358 -19.34 16.81 -16.30
C GLN B 358 -19.80 17.51 -15.02
N TRP B 359 -19.40 16.96 -13.87
CA TRP B 359 -19.74 17.52 -12.56
C TRP B 359 -18.57 18.17 -11.85
N ASP B 360 -17.50 18.46 -12.60
CA ASP B 360 -16.31 19.12 -12.07
C ASP B 360 -16.68 20.40 -11.33
N CYS B 361 -17.69 21.12 -11.82
CA CYS B 361 -18.15 22.38 -11.20
C CYS B 361 -18.56 22.22 -9.74
N LEU B 362 -19.08 21.03 -9.41
CA LEU B 362 -19.58 20.75 -8.07
C LEU B 362 -18.43 20.68 -7.09
N ILE B 363 -17.26 20.21 -7.55
CA ILE B 363 -16.07 20.13 -6.69
C ILE B 363 -15.68 21.55 -6.22
N GLU B 364 -15.96 22.53 -7.07
CA GLU B 364 -15.63 23.92 -6.75
C GLU B 364 -16.77 24.64 -6.01
N GLY B 365 -17.87 23.94 -5.78
CA GLY B 365 -19.05 24.52 -5.13
C GLY B 365 -19.92 25.38 -6.04
N ASP B 366 -19.87 25.14 -7.35
CA ASP B 366 -20.58 25.96 -8.34
C ASP B 366 -21.96 25.43 -8.68
N ASP B 367 -22.90 25.70 -7.78
CA ASP B 367 -24.28 25.25 -7.86
C ASP B 367 -25.02 26.05 -6.81
N GLU B 368 -26.29 26.36 -7.08
CA GLU B 368 -27.05 27.22 -6.17
C GLU B 368 -27.23 26.59 -4.78
N ASN B 369 -27.13 25.27 -4.71
CA ASN B 369 -27.29 24.55 -3.45
C ASN B 369 -25.96 24.18 -2.78
N LEU B 370 -24.86 24.69 -3.30
CA LEU B 370 -23.53 24.51 -2.69
C LEU B 370 -22.88 25.81 -2.24
N ILE B 371 -22.03 25.69 -1.22
CA ILE B 371 -21.11 26.73 -0.82
C ILE B 371 -19.70 26.21 -1.15
N PRO B 372 -18.86 27.01 -1.88
CA PRO B 372 -17.46 26.64 -1.97
C PRO B 372 -16.85 26.72 -0.56
N GLY B 373 -16.15 25.69 -0.12
CA GLY B 373 -15.59 25.70 1.23
C GLY B 373 -16.67 25.55 2.29
N THR B 374 -16.66 26.47 3.26
CA THR B 374 -17.66 26.47 4.33
C THR B 374 -18.02 27.91 4.67
N ASN B 375 -19.17 28.12 5.31
CA ASN B 375 -19.55 29.45 5.75
C ASN B 375 -18.99 29.81 7.12
N ILE B 376 -18.43 28.82 7.81
CA ILE B 376 -17.74 29.06 9.08
C ILE B 376 -16.37 29.67 8.82
N ASN B 377 -15.97 30.63 9.65
CA ASN B 377 -14.71 31.34 9.42
C ASN B 377 -13.42 30.93 10.08
N THR B 378 -13.40 30.64 11.36
CA THR B 378 -12.13 30.12 11.94
C THR B 378 -10.91 30.25 11.04
N THR B 379 -10.45 31.47 10.83
CA THR B 379 -9.24 31.72 10.08
C THR B 379 -8.26 32.40 11.04
C1 GD7 C . 25.63 -13.91 -6.27
C1 GD7 C . 22.40 -19.46 -10.41
C2 GD7 C . 25.23 -12.08 -7.85
C2 GD7 C . 21.35 -18.04 -12.15
C3 GD7 C . 23.56 -12.60 -6.19
C3 GD7 C . 23.55 -17.43 -11.21
C4 GD7 C . 24.85 -15.02 -8.93
C4 GD7 C . 20.20 -17.70 -9.28
C5 GD7 C . 23.86 -14.27 -8.04
C5 GD7 C . 21.54 -17.18 -9.77
C6 GD7 C . 24.56 -13.23 -7.12
C6 GD7 C . 22.19 -18.03 -10.88
C7 GD7 C . 21.80 -16.11 -10.10
C7 GD7 C . 23.10 -14.09 -8.73
OH GD7 C . 22.79 -13.72 -8.86
OH GD7 C . 21.39 -15.84 -10.24
P1 GD7 C . 21.42 -14.54 -9.27
O11 GD7 C . 20.41 -14.74 -8.06
C1 GD7 D . -25.60 8.41 13.36
C1 GD7 D . -21.22 13.07 18.35
C2 GD7 D . -24.80 9.72 11.40
C2 GD7 D . -20.36 14.33 16.42
C3 GD7 D . -23.52 7.82 12.17
C3 GD7 D . -22.76 13.82 16.55
C4 GD7 D . -24.42 10.90 14.34
C4 GD7 D . -19.99 11.14 16.60
C5 GD7 D . -23.56 9.86 13.62
C5 GD7 D . -21.17 11.94 16.08
C6 GD7 D . -24.37 8.98 12.66
C6 GD7 D . -21.37 13.27 16.84
C7 GD7 D . -21.18 12.12 14.93
C7 GD7 D . -22.72 10.33 13.26
OH GD7 D . -22.48 10.51 12.92
OH GD7 D . -21.01 12.14 14.67
P1 GD7 D . -21.04 10.93 13.57
O11 GD7 D . -20.08 9.70 13.97
S SO4 E . -33.50 -11.65 13.45
O1 SO4 E . -32.12 -11.76 12.96
O2 SO4 E . -34.39 -12.39 12.56
O3 SO4 E . -33.56 -12.20 14.80
O4 SO4 E . -33.89 -10.25 13.44
C ACT F . -27.13 18.13 12.62
O ACT F . -28.28 17.74 12.86
OXT ACT F . -26.92 18.45 11.45
CH3 ACT F . -26.08 18.15 13.69
C ACT G . -16.39 17.24 19.81
O ACT G . -16.07 17.97 18.84
OXT ACT G . -17.15 16.28 19.55
CH3 ACT G . -15.91 17.52 21.20
C ACT H . -19.11 -1.64 28.53
O ACT H . -19.28 -2.50 27.64
OXT ACT H . -19.60 -0.52 28.31
CH3 ACT H . -18.40 -1.93 29.80
#